data_1WD2
#
_entry.id   1WD2
#
loop_
_entity.id
_entity.type
_entity.pdbx_description
1 polymer 'Ariadne-1 protein homolog'
2 non-polymer 'ZINC ION'
#
_entity_poly.entity_id   1
_entity_poly.type   'polypeptide(L)'
_entity_poly.pdbx_seq_one_letter_code
;WIAANTKECPKCHVTIEKDGGCNHMVCRNQNCKAEFCWVCLGPWEPHGSAWYNCNRYNEF
;
_entity_poly.pdbx_strand_id   A
#
# COMPACT_ATOMS: atom_id res chain seq x y z
N TRP A 1 -2.70 -18.11 3.41
CA TRP A 1 -3.07 -17.70 2.03
C TRP A 1 -3.13 -16.19 1.90
N ILE A 2 -2.01 -15.59 1.50
CA ILE A 2 -1.94 -14.14 1.33
C ILE A 2 -1.87 -13.77 -0.15
N ALA A 3 -2.94 -13.15 -0.64
CA ALA A 3 -3.00 -12.73 -2.04
C ALA A 3 -2.64 -11.26 -2.19
N ALA A 4 -1.39 -10.99 -2.60
CA ALA A 4 -0.92 -9.63 -2.77
C ALA A 4 0.16 -9.57 -3.85
N ASN A 5 0.53 -8.35 -4.23
CA ASN A 5 1.55 -8.15 -5.26
C ASN A 5 2.06 -6.71 -5.25
N THR A 6 3.21 -6.49 -5.88
CA THR A 6 3.80 -5.16 -5.95
C THR A 6 3.41 -4.46 -7.24
N LYS A 7 2.87 -3.25 -7.12
CA LYS A 7 2.46 -2.48 -8.28
C LYS A 7 2.19 -1.02 -7.91
N GLU A 8 1.74 -0.24 -8.88
CA GLU A 8 1.45 1.17 -8.66
C GLU A 8 0.04 1.34 -8.11
N CYS A 9 -0.23 2.51 -7.53
CA CYS A 9 -1.55 2.79 -6.97
C CYS A 9 -2.63 2.59 -8.04
N PRO A 10 -3.72 1.88 -7.71
CA PRO A 10 -4.81 1.62 -8.68
C PRO A 10 -5.70 2.84 -8.89
N LYS A 11 -6.16 3.44 -7.80
CA LYS A 11 -7.03 4.61 -7.87
C LYS A 11 -6.25 5.86 -8.26
N CYS A 12 -4.93 5.81 -8.10
CA CYS A 12 -4.09 6.96 -8.44
C CYS A 12 -3.32 6.71 -9.73
N HIS A 13 -2.87 5.47 -9.93
CA HIS A 13 -2.15 5.08 -11.14
C HIS A 13 -0.79 5.80 -11.26
N VAL A 14 -0.12 6.00 -10.12
CA VAL A 14 1.18 6.65 -10.12
C VAL A 14 2.24 5.73 -9.54
N THR A 15 3.01 5.09 -10.41
CA THR A 15 4.06 4.17 -9.98
C THR A 15 5.15 4.90 -9.19
N ILE A 16 5.57 4.29 -8.09
CA ILE A 16 6.61 4.87 -7.25
C ILE A 16 7.56 3.79 -6.73
N GLU A 17 8.85 4.00 -6.95
CA GLU A 17 9.87 3.05 -6.51
C GLU A 17 10.26 3.30 -5.06
N LYS A 18 10.77 4.50 -4.79
CA LYS A 18 11.18 4.88 -3.44
C LYS A 18 10.10 5.72 -2.78
N ASP A 19 9.87 5.50 -1.49
CA ASP A 19 8.87 6.24 -0.75
C ASP A 19 9.23 7.72 -0.67
N GLY A 20 8.69 8.51 -1.60
CA GLY A 20 8.97 9.93 -1.61
C GLY A 20 7.71 10.76 -1.75
N GLY A 21 7.39 11.51 -0.70
CA GLY A 21 6.21 12.35 -0.73
C GLY A 21 4.98 11.65 -0.17
N CYS A 22 4.87 10.35 -0.42
CA CYS A 22 3.73 9.57 0.06
C CYS A 22 4.14 8.69 1.24
N ASN A 23 3.67 9.04 2.42
CA ASN A 23 3.95 8.28 3.63
C ASN A 23 3.16 6.98 3.58
N HIS A 24 3.58 5.96 4.33
CA HIS A 24 2.85 4.69 4.29
C HIS A 24 1.53 4.83 5.03
N MET A 25 0.52 5.21 4.26
CA MET A 25 -0.84 5.41 4.75
C MET A 25 -1.77 5.63 3.56
N VAL A 26 -2.92 6.26 3.78
CA VAL A 26 -3.85 6.52 2.69
C VAL A 26 -3.25 7.52 1.71
N CYS A 27 -2.61 7.01 0.66
CA CYS A 27 -1.97 7.84 -0.36
C CYS A 27 -2.88 8.99 -0.77
N ARG A 28 -2.43 10.20 -0.47
CA ARG A 28 -3.20 11.40 -0.79
C ARG A 28 -2.29 12.52 -1.33
N ASN A 29 -1.30 12.18 -2.16
CA ASN A 29 -0.39 13.20 -2.67
C ASN A 29 -1.01 14.02 -3.81
N GLN A 30 -0.84 13.57 -5.06
CA GLN A 30 -1.39 14.30 -6.20
C GLN A 30 -2.58 13.55 -6.79
N ASN A 31 -2.30 12.55 -7.63
CA ASN A 31 -3.37 11.76 -8.22
C ASN A 31 -4.02 10.91 -7.14
N CYS A 32 -3.20 10.59 -6.15
CA CYS A 32 -3.62 9.79 -5.01
C CYS A 32 -4.38 10.64 -3.99
N LYS A 33 -4.29 11.95 -4.12
CA LYS A 33 -4.95 12.87 -3.20
C LYS A 33 -6.43 12.53 -3.01
N ALA A 34 -7.03 11.86 -3.98
CA ALA A 34 -8.45 11.53 -3.88
C ALA A 34 -8.73 10.28 -3.05
N GLU A 35 -8.33 9.10 -3.52
CA GLU A 35 -8.60 7.87 -2.79
C GLU A 35 -7.46 6.85 -2.87
N PHE A 36 -7.43 5.96 -1.86
CA PHE A 36 -6.45 4.89 -1.80
C PHE A 36 -7.11 3.62 -1.25
N CYS A 37 -6.56 2.45 -1.58
CA CYS A 37 -7.15 1.20 -1.11
C CYS A 37 -6.52 0.78 0.21
N TRP A 38 -7.30 0.87 1.28
CA TRP A 38 -6.82 0.50 2.61
C TRP A 38 -5.49 1.18 2.92
N VAL A 39 -4.92 0.88 4.07
CA VAL A 39 -3.64 1.45 4.46
C VAL A 39 -2.48 0.77 3.72
N CYS A 40 -2.50 -0.56 3.72
CA CYS A 40 -1.44 -1.34 3.07
C CYS A 40 -1.59 -1.35 1.55
N LEU A 41 -2.79 -1.64 1.07
CA LEU A 41 -3.07 -1.69 -0.37
C LEU A 41 -2.31 -2.82 -1.09
N GLY A 42 -2.45 -4.06 -0.59
CA GLY A 42 -1.84 -5.22 -1.25
C GLY A 42 -0.31 -5.29 -1.30
N PRO A 43 0.44 -4.72 -0.33
CA PRO A 43 1.91 -4.79 -0.36
C PRO A 43 2.43 -6.21 -0.41
N TRP A 44 3.73 -6.37 -0.64
CA TRP A 44 4.35 -7.68 -0.70
C TRP A 44 4.78 -8.15 0.69
N GLU A 45 5.23 -7.20 1.51
CA GLU A 45 5.68 -7.49 2.86
C GLU A 45 4.74 -8.46 3.58
N PRO A 46 3.42 -8.17 3.58
CA PRO A 46 2.43 -9.02 4.24
C PRO A 46 2.55 -10.48 3.84
N HIS A 47 3.11 -10.72 2.66
CA HIS A 47 3.28 -12.08 2.16
C HIS A 47 4.19 -12.90 3.08
N GLY A 48 4.95 -12.22 3.92
CA GLY A 48 5.85 -12.90 4.84
C GLY A 48 5.12 -13.52 6.02
N SER A 49 3.81 -13.34 6.08
CA SER A 49 3.01 -13.90 7.18
C SER A 49 3.35 -13.21 8.50
N ALA A 50 3.20 -11.89 8.52
CA ALA A 50 3.47 -11.10 9.72
C ALA A 50 4.96 -11.15 10.08
N TRP A 51 5.80 -11.42 9.08
CA TRP A 51 7.24 -11.50 9.31
C TRP A 51 7.81 -10.11 9.60
N TYR A 52 7.40 -9.12 8.83
CA TYR A 52 7.89 -7.75 9.01
C TYR A 52 6.97 -6.92 9.90
N ASN A 53 5.75 -6.68 9.42
CA ASN A 53 4.79 -5.88 10.18
C ASN A 53 3.70 -6.75 10.80
N CYS A 54 2.92 -7.43 9.96
CA CYS A 54 1.85 -8.29 10.44
C CYS A 54 1.05 -8.87 9.28
N ASN A 55 0.39 -8.00 8.51
CA ASN A 55 -0.41 -8.43 7.37
C ASN A 55 -0.80 -7.24 6.50
N ARG A 56 -1.64 -7.50 5.50
CA ARG A 56 -2.10 -6.45 4.60
C ARG A 56 -3.45 -5.91 5.02
N TYR A 57 -3.64 -5.77 6.34
CA TYR A 57 -4.90 -5.27 6.88
C TYR A 57 -4.80 -5.06 8.38
N ASN A 58 -4.92 -3.81 8.82
CA ASN A 58 -4.84 -3.49 10.24
C ASN A 58 -6.23 -3.16 10.80
N GLU A 59 -6.44 -3.50 12.07
CA GLU A 59 -7.72 -3.25 12.72
C GLU A 59 -7.91 -1.76 12.97
N PHE A 60 -9.06 -1.40 13.53
CA PHE A 60 -9.38 0.00 13.83
C PHE A 60 -9.28 0.27 15.33
N TRP A 1 -5.85 -16.38 2.66
CA TRP A 1 -4.66 -17.26 2.72
C TRP A 1 -3.50 -16.68 1.91
N ILE A 2 -3.75 -16.39 0.64
CA ILE A 2 -2.72 -15.83 -0.22
C ILE A 2 -3.23 -14.57 -0.93
N ALA A 3 -2.41 -13.52 -0.89
CA ALA A 3 -2.77 -12.26 -1.52
C ALA A 3 -1.64 -11.25 -1.42
N ALA A 4 -1.95 -9.98 -1.69
CA ALA A 4 -0.96 -8.91 -1.62
C ALA A 4 0.11 -9.09 -2.70
N ASN A 5 0.56 -7.98 -3.26
CA ASN A 5 1.57 -8.00 -4.32
C ASN A 5 2.22 -6.62 -4.47
N THR A 6 3.11 -6.50 -5.46
CA THR A 6 3.79 -5.24 -5.72
C THR A 6 3.34 -4.63 -7.04
N LYS A 7 2.80 -3.41 -6.96
CA LYS A 7 2.33 -2.72 -8.16
C LYS A 7 2.08 -1.23 -7.86
N GLU A 8 1.61 -0.51 -8.86
CA GLU A 8 1.35 0.92 -8.72
C GLU A 8 -0.06 1.14 -8.16
N CYS A 9 -0.30 2.34 -7.65
CA CYS A 9 -1.61 2.68 -7.10
C CYS A 9 -2.70 2.47 -8.15
N PRO A 10 -3.82 1.82 -7.79
CA PRO A 10 -4.91 1.55 -8.73
C PRO A 10 -5.77 2.79 -9.02
N LYS A 11 -6.21 3.46 -7.96
CA LYS A 11 -7.05 4.64 -8.11
C LYS A 11 -6.23 5.85 -8.55
N CYS A 12 -4.91 5.78 -8.37
CA CYS A 12 -4.04 6.87 -8.74
C CYS A 12 -3.25 6.54 -10.02
N HIS A 13 -2.84 5.28 -10.15
CA HIS A 13 -2.11 4.82 -11.33
C HIS A 13 -0.74 5.49 -11.47
N VAL A 14 -0.09 5.75 -10.34
CA VAL A 14 1.23 6.38 -10.35
C VAL A 14 2.28 5.47 -9.71
N THR A 15 3.28 5.08 -10.48
CA THR A 15 4.34 4.22 -9.98
C THR A 15 5.36 5.01 -9.18
N ILE A 16 5.74 4.47 -8.01
CA ILE A 16 6.72 5.14 -7.15
C ILE A 16 7.75 4.14 -6.63
N GLU A 17 9.02 4.40 -6.93
CA GLU A 17 10.10 3.52 -6.49
C GLU A 17 10.54 3.90 -5.08
N LYS A 18 11.00 5.13 -4.92
CA LYS A 18 11.46 5.63 -3.63
C LYS A 18 10.36 6.43 -2.95
N ASP A 19 10.10 6.13 -1.69
CA ASP A 19 9.05 6.83 -0.94
C ASP A 19 9.41 8.30 -0.78
N GLY A 20 8.87 9.13 -1.67
CA GLY A 20 9.14 10.55 -1.61
C GLY A 20 7.87 11.38 -1.73
N GLY A 21 7.51 12.07 -0.66
CA GLY A 21 6.32 12.90 -0.67
C GLY A 21 5.09 12.15 -0.21
N CYS A 22 5.00 10.86 -0.56
CA CYS A 22 3.86 10.05 -0.17
C CYS A 22 4.22 9.07 0.94
N ASN A 23 3.73 9.33 2.14
CA ASN A 23 3.99 8.48 3.29
C ASN A 23 3.16 7.20 3.17
N HIS A 24 3.57 6.13 3.84
CA HIS A 24 2.83 4.88 3.75
C HIS A 24 1.54 5.00 4.54
N MET A 25 0.51 5.43 3.82
CA MET A 25 -0.83 5.63 4.38
C MET A 25 -1.80 5.87 3.22
N VAL A 26 -2.93 6.53 3.48
CA VAL A 26 -3.87 6.81 2.42
C VAL A 26 -3.26 7.78 1.41
N CYS A 27 -2.65 7.21 0.36
CA CYS A 27 -2.01 8.00 -0.68
C CYS A 27 -2.90 9.15 -1.13
N ARG A 28 -2.47 10.37 -0.84
CA ARG A 28 -3.23 11.55 -1.19
C ARG A 28 -2.32 12.67 -1.69
N ASN A 29 -1.27 12.36 -2.47
CA ASN A 29 -0.38 13.41 -2.94
C ASN A 29 -0.96 14.19 -4.13
N GLN A 30 -0.71 13.75 -5.36
CA GLN A 30 -1.22 14.44 -6.54
C GLN A 30 -2.37 13.68 -7.16
N ASN A 31 -2.04 12.66 -7.95
CA ASN A 31 -3.06 11.84 -8.60
C ASN A 31 -3.77 11.02 -7.54
N CYS A 32 -3.01 10.63 -6.55
CA CYS A 32 -3.51 9.84 -5.43
C CYS A 32 -4.29 10.70 -4.45
N LYS A 33 -4.21 12.03 -4.60
CA LYS A 33 -4.90 12.95 -3.72
C LYS A 33 -6.38 12.62 -3.57
N ALA A 34 -6.95 11.90 -4.53
CA ALA A 34 -8.37 11.57 -4.48
C ALA A 34 -8.69 10.36 -3.59
N GLU A 35 -8.28 9.16 -4.01
CA GLU A 35 -8.58 7.95 -3.23
C GLU A 35 -7.46 6.92 -3.23
N PHE A 36 -7.47 6.08 -2.18
CA PHE A 36 -6.50 5.00 -2.05
C PHE A 36 -7.20 3.77 -1.46
N CYS A 37 -6.67 2.58 -1.75
CA CYS A 37 -7.28 1.35 -1.24
C CYS A 37 -6.67 0.96 0.10
N TRP A 38 -7.47 1.08 1.16
CA TRP A 38 -7.03 0.76 2.51
C TRP A 38 -5.70 1.45 2.81
N VAL A 39 -5.15 1.18 3.99
CA VAL A 39 -3.88 1.77 4.39
C VAL A 39 -2.71 1.09 3.69
N CYS A 40 -2.69 -0.23 3.74
CA CYS A 40 -1.62 -1.02 3.12
C CYS A 40 -1.73 -1.08 1.61
N LEU A 41 -2.93 -1.39 1.11
CA LEU A 41 -3.18 -1.48 -0.33
C LEU A 41 -2.40 -2.65 -0.99
N GLY A 42 -2.59 -3.87 -0.47
CA GLY A 42 -1.96 -5.05 -1.07
C GLY A 42 -0.42 -5.09 -1.11
N PRO A 43 0.32 -4.51 -0.15
CA PRO A 43 1.79 -4.54 -0.16
C PRO A 43 2.33 -5.98 -0.20
N TRP A 44 3.62 -6.10 -0.49
CA TRP A 44 4.26 -7.42 -0.56
C TRP A 44 4.79 -7.84 0.80
N GLU A 45 5.20 -6.86 1.61
CA GLU A 45 5.74 -7.12 2.94
C GLU A 45 4.90 -8.15 3.70
N PRO A 46 3.60 -7.85 3.92
CA PRO A 46 2.69 -8.76 4.63
C PRO A 46 2.62 -10.14 3.99
N HIS A 47 3.01 -10.24 2.73
CA HIS A 47 2.99 -11.50 2.00
C HIS A 47 3.91 -12.53 2.68
N GLY A 48 4.83 -12.05 3.52
CA GLY A 48 5.74 -12.94 4.20
C GLY A 48 5.09 -13.71 5.34
N SER A 49 3.80 -13.47 5.58
CA SER A 49 3.08 -14.15 6.64
C SER A 49 3.61 -13.72 8.01
N ALA A 50 3.54 -12.42 8.28
CA ALA A 50 4.00 -11.87 9.55
C ALA A 50 5.51 -12.04 9.71
N TRP A 51 6.20 -12.24 8.59
CA TRP A 51 7.64 -12.41 8.61
C TRP A 51 8.36 -11.11 8.98
N TYR A 52 7.85 -9.99 8.45
CA TYR A 52 8.45 -8.69 8.71
C TYR A 52 7.75 -7.98 9.87
N ASN A 53 6.48 -7.62 9.67
CA ASN A 53 5.72 -6.93 10.70
C ASN A 53 4.71 -7.85 11.37
N CYS A 54 3.74 -8.32 10.58
CA CYS A 54 2.69 -9.21 11.09
C CYS A 54 1.65 -9.48 10.01
N ASN A 55 0.83 -8.48 9.71
CA ASN A 55 -0.22 -8.62 8.70
C ASN A 55 -0.24 -7.40 7.77
N ARG A 56 -1.20 -7.38 6.86
CA ARG A 56 -1.34 -6.27 5.91
C ARG A 56 -2.32 -5.24 6.43
N TYR A 57 -3.36 -5.69 7.11
CA TYR A 57 -4.37 -4.79 7.65
C TYR A 57 -4.60 -5.06 9.14
N ASN A 58 -5.15 -4.07 9.83
CA ASN A 58 -5.43 -4.20 11.26
C ASN A 58 -6.92 -4.05 11.54
N GLU A 59 -7.33 -4.43 12.75
CA GLU A 59 -8.74 -4.33 13.13
C GLU A 59 -8.93 -3.29 14.23
N PHE A 60 -10.04 -2.55 14.14
CA PHE A 60 -10.34 -1.52 15.12
C PHE A 60 -11.34 -2.03 16.17
N TRP A 1 -7.20 -17.49 -3.82
CA TRP A 1 -7.55 -17.51 -2.37
C TRP A 1 -6.96 -16.30 -1.66
N ILE A 2 -5.64 -16.17 -1.71
CA ILE A 2 -4.96 -15.06 -1.07
C ILE A 2 -3.71 -14.64 -1.85
N ALA A 3 -3.57 -13.34 -2.06
CA ALA A 3 -2.42 -12.81 -2.79
C ALA A 3 -2.31 -11.29 -2.61
N ALA A 4 -1.07 -10.80 -2.61
CA ALA A 4 -0.83 -9.36 -2.45
C ALA A 4 0.15 -8.86 -3.50
N ASN A 5 1.40 -9.27 -3.39
CA ASN A 5 2.43 -8.85 -4.34
C ASN A 5 2.58 -7.34 -4.35
N THR A 6 3.68 -6.86 -4.92
CA THR A 6 3.94 -5.43 -5.00
C THR A 6 3.47 -4.86 -6.34
N LYS A 7 2.89 -3.66 -6.30
CA LYS A 7 2.40 -3.01 -7.51
C LYS A 7 2.10 -1.54 -7.26
N GLU A 8 1.63 -0.85 -8.30
CA GLU A 8 1.30 0.57 -8.18
C GLU A 8 -0.11 0.76 -7.65
N CYS A 9 -0.40 1.97 -7.17
CA CYS A 9 -1.72 2.28 -6.63
C CYS A 9 -2.80 2.04 -7.69
N PRO A 10 -3.91 1.38 -7.33
CA PRO A 10 -5.00 1.09 -8.27
C PRO A 10 -5.89 2.30 -8.53
N LYS A 11 -6.36 2.93 -7.46
CA LYS A 11 -7.23 4.10 -7.57
C LYS A 11 -6.44 5.35 -7.98
N CYS A 12 -5.11 5.27 -7.87
CA CYS A 12 -4.26 6.40 -8.22
C CYS A 12 -3.43 6.10 -9.48
N HIS A 13 -3.03 4.85 -9.63
CA HIS A 13 -2.26 4.42 -10.80
C HIS A 13 -0.93 5.15 -10.94
N VAL A 14 -0.29 5.45 -9.81
CA VAL A 14 1.01 6.12 -9.84
C VAL A 14 2.08 5.28 -9.15
N THR A 15 2.91 4.62 -9.96
CA THR A 15 3.98 3.78 -9.42
C THR A 15 5.00 4.62 -8.65
N ILE A 16 5.35 4.17 -7.46
CA ILE A 16 6.31 4.89 -6.63
C ILE A 16 7.56 4.05 -6.36
N GLU A 17 8.70 4.51 -6.87
CA GLU A 17 9.96 3.80 -6.68
C GLU A 17 10.55 4.15 -5.33
N LYS A 18 10.83 5.43 -5.13
CA LYS A 18 11.41 5.91 -3.87
C LYS A 18 10.38 6.74 -3.12
N ASP A 19 10.24 6.49 -1.83
CA ASP A 19 9.28 7.23 -1.01
C ASP A 19 9.66 8.70 -0.91
N GLY A 20 9.06 9.50 -1.79
CA GLY A 20 9.33 10.93 -1.79
C GLY A 20 8.05 11.75 -1.85
N GLY A 21 7.77 12.47 -0.76
CA GLY A 21 6.58 13.29 -0.72
C GLY A 21 5.35 12.53 -0.24
N CYS A 22 5.27 11.25 -0.62
CA CYS A 22 4.13 10.42 -0.22
C CYS A 22 4.58 9.32 0.74
N ASN A 23 4.22 9.45 2.00
CA ASN A 23 4.57 8.46 3.02
C ASN A 23 3.77 7.18 2.79
N HIS A 24 4.27 6.04 3.28
CA HIS A 24 3.55 4.79 3.08
C HIS A 24 2.34 4.75 4.01
N MET A 25 1.24 5.24 3.48
CA MET A 25 -0.03 5.30 4.18
C MET A 25 -1.10 5.75 3.18
N VAL A 26 -2.19 6.33 3.65
CA VAL A 26 -3.22 6.81 2.73
C VAL A 26 -2.64 7.96 1.93
N CYS A 27 -2.05 7.64 0.78
CA CYS A 27 -1.44 8.66 -0.07
C CYS A 27 -2.48 9.56 -0.67
N ARG A 28 -2.37 10.84 -0.35
CA ARG A 28 -3.30 11.84 -0.85
C ARG A 28 -2.55 12.96 -1.57
N ASN A 29 -1.42 12.65 -2.23
CA ASN A 29 -0.66 13.67 -2.91
C ASN A 29 -1.37 14.22 -4.15
N GLN A 30 -1.19 13.57 -5.31
CA GLN A 30 -1.81 14.05 -6.54
C GLN A 30 -2.91 13.10 -7.02
N ASN A 31 -2.49 12.03 -7.70
CA ASN A 31 -3.45 11.06 -8.23
C ASN A 31 -4.12 10.34 -7.08
N CYS A 32 -3.35 10.09 -6.04
CA CYS A 32 -3.84 9.41 -4.85
C CYS A 32 -4.56 10.38 -3.91
N LYS A 33 -4.56 11.67 -4.26
CA LYS A 33 -5.19 12.68 -3.43
C LYS A 33 -6.62 12.31 -3.04
N ALA A 34 -7.29 11.53 -3.89
CA ALA A 34 -8.67 11.14 -3.61
C ALA A 34 -8.81 9.95 -2.67
N GLU A 35 -8.40 8.75 -3.11
CA GLU A 35 -8.55 7.56 -2.29
C GLU A 35 -7.38 6.58 -2.40
N PHE A 36 -7.24 5.74 -1.37
CA PHE A 36 -6.22 4.70 -1.32
C PHE A 36 -6.81 3.45 -0.68
N CYS A 37 -6.22 2.29 -0.94
CA CYS A 37 -6.73 1.04 -0.37
C CYS A 37 -6.01 0.69 0.92
N TRP A 38 -6.72 0.81 2.03
CA TRP A 38 -6.15 0.52 3.35
C TRP A 38 -4.79 1.18 3.53
N VAL A 39 -4.14 0.89 4.65
CA VAL A 39 -2.83 1.45 4.92
C VAL A 39 -1.74 0.75 4.10
N CYS A 40 -1.77 -0.58 4.13
CA CYS A 40 -0.79 -1.39 3.40
C CYS A 40 -1.07 -1.41 1.89
N LEU A 41 -2.35 -1.61 1.54
CA LEU A 41 -2.78 -1.67 0.14
C LEU A 41 -2.29 -2.94 -0.59
N GLY A 42 -2.26 -4.08 0.11
CA GLY A 42 -1.87 -5.33 -0.54
C GLY A 42 -0.37 -5.53 -0.83
N PRO A 43 0.55 -4.95 -0.04
CA PRO A 43 1.99 -5.11 -0.27
C PRO A 43 2.42 -6.58 -0.26
N TRP A 44 3.67 -6.83 -0.64
CA TRP A 44 4.20 -8.19 -0.66
C TRP A 44 4.74 -8.58 0.70
N GLU A 45 5.35 -7.62 1.39
CA GLU A 45 5.94 -7.83 2.72
C GLU A 45 5.02 -8.68 3.61
N PRO A 46 3.72 -8.29 3.71
CA PRO A 46 2.75 -9.02 4.53
C PRO A 46 2.80 -10.52 4.32
N HIS A 47 3.27 -10.95 3.16
CA HIS A 47 3.36 -12.38 2.84
C HIS A 47 4.05 -13.15 3.97
N GLY A 48 4.89 -12.47 4.73
CA GLY A 48 5.59 -13.11 5.83
C GLY A 48 4.73 -13.24 7.08
N SER A 49 3.46 -12.82 6.98
CA SER A 49 2.55 -12.90 8.12
C SER A 49 2.98 -11.95 9.24
N ALA A 50 3.08 -10.67 8.91
CA ALA A 50 3.48 -9.66 9.88
C ALA A 50 4.88 -9.92 10.40
N TRP A 51 5.72 -10.49 9.54
CA TRP A 51 7.11 -10.80 9.92
C TRP A 51 7.93 -9.53 10.07
N TYR A 52 7.82 -8.62 9.12
CA TYR A 52 8.57 -7.38 9.16
C TYR A 52 7.76 -6.24 9.78
N ASN A 53 6.69 -5.83 9.11
CA ASN A 53 5.84 -4.76 9.60
C ASN A 53 4.53 -5.28 10.16
N CYS A 54 3.73 -5.92 9.30
CA CYS A 54 2.45 -6.47 9.72
C CYS A 54 1.75 -7.13 8.54
N ASN A 55 0.53 -7.62 8.78
CA ASN A 55 -0.25 -8.28 7.74
C ASN A 55 -0.64 -7.29 6.65
N ARG A 56 -1.43 -7.76 5.68
CA ARG A 56 -1.88 -6.91 4.59
C ARG A 56 -3.08 -6.07 5.00
N TYR A 57 -3.88 -6.60 5.92
CA TYR A 57 -5.07 -5.91 6.40
C TYR A 57 -5.03 -5.74 7.92
N ASN A 58 -5.28 -4.52 8.38
CA ASN A 58 -5.28 -4.24 9.81
C ASN A 58 -6.70 -4.09 10.34
N GLU A 59 -6.85 -4.29 11.65
CA GLU A 59 -8.16 -4.17 12.29
C GLU A 59 -8.26 -2.89 13.10
N PHE A 60 -9.44 -2.27 13.08
CA PHE A 60 -9.66 -1.03 13.82
C PHE A 60 -10.83 -1.19 14.80
N TRP A 1 -8.94 -16.25 0.57
CA TRP A 1 -7.73 -16.23 -0.29
C TRP A 1 -6.83 -15.06 0.05
N ILE A 2 -5.52 -15.31 0.09
CA ILE A 2 -4.55 -14.28 0.42
C ILE A 2 -4.37 -13.32 -0.76
N ALA A 3 -3.84 -12.14 -0.47
CA ALA A 3 -3.61 -11.14 -1.50
C ALA A 3 -2.38 -10.29 -1.19
N ALA A 4 -1.27 -10.61 -1.85
CA ALA A 4 -0.02 -9.88 -1.64
C ALA A 4 0.89 -10.01 -2.86
N ASN A 5 1.29 -8.87 -3.40
CA ASN A 5 2.16 -8.84 -4.57
C ASN A 5 2.79 -7.46 -4.77
N THR A 6 3.54 -7.31 -5.85
CA THR A 6 4.19 -6.04 -6.16
C THR A 6 3.48 -5.32 -7.30
N LYS A 7 2.86 -4.19 -6.99
CA LYS A 7 2.15 -3.41 -8.00
C LYS A 7 1.95 -1.97 -7.55
N GLU A 8 1.27 -1.19 -8.37
CA GLU A 8 1.01 0.22 -8.06
C GLU A 8 -0.48 0.45 -7.78
N CYS A 9 -0.78 1.60 -7.17
CA CYS A 9 -2.16 1.94 -6.84
C CYS A 9 -3.05 1.86 -8.08
N PRO A 10 -4.17 1.12 -8.02
CA PRO A 10 -5.09 0.98 -9.15
C PRO A 10 -6.02 2.18 -9.29
N LYS A 11 -6.40 2.77 -8.17
CA LYS A 11 -7.29 3.92 -8.17
C LYS A 11 -6.56 5.18 -8.60
N CYS A 12 -5.26 5.25 -8.31
CA CYS A 12 -4.46 6.41 -8.67
C CYS A 12 -3.51 6.09 -9.82
N HIS A 13 -2.92 4.89 -9.78
CA HIS A 13 -2.00 4.44 -10.84
C HIS A 13 -0.72 5.27 -10.88
N VAL A 14 -0.02 5.36 -9.75
CA VAL A 14 1.23 6.10 -9.69
C VAL A 14 2.38 5.20 -9.29
N THR A 15 3.51 5.33 -9.98
CA THR A 15 4.69 4.53 -9.69
C THR A 15 5.61 5.27 -8.72
N ILE A 16 5.74 4.73 -7.51
CA ILE A 16 6.59 5.34 -6.49
C ILE A 16 7.71 4.39 -6.06
N GLU A 17 8.95 4.78 -6.34
CA GLU A 17 10.11 3.98 -5.98
C GLU A 17 10.60 4.35 -4.59
N LYS A 18 10.87 5.64 -4.40
CA LYS A 18 11.34 6.15 -3.11
C LYS A 18 10.20 6.84 -2.37
N ASP A 19 10.41 7.14 -1.10
CA ASP A 19 9.39 7.80 -0.29
C ASP A 19 9.75 9.26 -0.03
N GLY A 20 9.19 10.14 -0.86
CA GLY A 20 9.44 11.56 -0.70
C GLY A 20 8.17 12.37 -0.76
N GLY A 21 7.79 12.96 0.37
CA GLY A 21 6.56 13.75 0.42
C GLY A 21 5.33 12.90 0.62
N CYS A 22 5.33 11.71 0.03
CA CYS A 22 4.20 10.79 0.15
C CYS A 22 4.50 9.72 1.20
N ASN A 23 3.83 9.82 2.34
CA ASN A 23 4.03 8.85 3.43
C ASN A 23 3.45 7.50 3.03
N HIS A 24 3.96 6.42 3.63
CA HIS A 24 3.46 5.09 3.29
C HIS A 24 2.10 4.86 3.95
N MET A 25 1.07 5.22 3.22
CA MET A 25 -0.31 5.09 3.67
C MET A 25 -1.23 5.44 2.50
N VAL A 26 -2.47 5.85 2.78
CA VAL A 26 -3.37 6.23 1.70
C VAL A 26 -2.83 7.50 1.06
N CYS A 27 -2.09 7.34 -0.03
CA CYS A 27 -1.49 8.49 -0.70
C CYS A 27 -2.54 9.44 -1.21
N ARG A 28 -2.51 10.66 -0.70
CA ARG A 28 -3.46 11.67 -1.10
C ARG A 28 -2.74 12.91 -1.65
N ASN A 29 -1.55 12.74 -2.24
CA ASN A 29 -0.83 13.89 -2.76
C ASN A 29 -1.53 14.55 -3.94
N GLN A 30 -1.32 14.04 -5.15
CA GLN A 30 -1.94 14.65 -6.33
C GLN A 30 -2.94 13.70 -6.99
N ASN A 31 -2.43 12.77 -7.80
CA ASN A 31 -3.30 11.81 -8.48
C ASN A 31 -4.05 10.96 -7.48
N CYS A 32 -3.31 10.53 -6.47
CA CYS A 32 -3.86 9.70 -5.41
C CYS A 32 -4.60 10.54 -4.36
N LYS A 33 -4.62 11.86 -4.54
CA LYS A 33 -5.28 12.76 -3.61
C LYS A 33 -6.72 12.33 -3.32
N ALA A 34 -7.34 11.60 -4.24
CA ALA A 34 -8.72 11.18 -4.05
C ALA A 34 -8.87 9.91 -3.21
N GLU A 35 -8.41 8.77 -3.71
CA GLU A 35 -8.57 7.51 -2.97
C GLU A 35 -7.35 6.58 -3.09
N PHE A 36 -7.25 5.67 -2.11
CA PHE A 36 -6.18 4.67 -2.07
C PHE A 36 -6.75 3.34 -1.58
N CYS A 37 -6.09 2.23 -1.89
CA CYS A 37 -6.57 0.92 -1.46
C CYS A 37 -6.00 0.53 -0.10
N TRP A 38 -6.84 0.55 0.93
CA TRP A 38 -6.43 0.20 2.28
C TRP A 38 -5.08 0.83 2.62
N VAL A 39 -4.53 0.48 3.77
CA VAL A 39 -3.23 1.03 4.17
C VAL A 39 -2.10 0.36 3.40
N CYS A 40 -2.11 -0.97 3.36
CA CYS A 40 -1.08 -1.74 2.66
C CYS A 40 -1.30 -1.77 1.15
N LEU A 41 -2.53 -2.07 0.75
CA LEU A 41 -2.92 -2.16 -0.67
C LEU A 41 -2.33 -3.40 -1.37
N GLY A 42 -2.21 -4.52 -0.66
CA GLY A 42 -1.73 -5.76 -1.28
C GLY A 42 -0.22 -5.88 -1.50
N PRO A 43 0.65 -5.24 -0.69
CA PRO A 43 2.10 -5.33 -0.87
C PRO A 43 2.60 -6.77 -0.79
N TRP A 44 3.86 -6.98 -1.18
CA TRP A 44 4.45 -8.31 -1.16
C TRP A 44 4.97 -8.65 0.23
N GLU A 45 5.48 -7.62 0.91
CA GLU A 45 6.02 -7.79 2.27
C GLU A 45 5.10 -8.66 3.14
N PRO A 46 3.82 -8.28 3.28
CA PRO A 46 2.86 -9.03 4.10
C PRO A 46 2.74 -10.49 3.66
N HIS A 47 3.15 -10.77 2.42
CA HIS A 47 3.08 -12.13 1.89
C HIS A 47 3.84 -13.11 2.78
N GLY A 48 4.77 -12.58 3.58
CA GLY A 48 5.54 -13.43 4.49
C GLY A 48 4.77 -13.83 5.73
N SER A 49 3.50 -13.44 5.81
CA SER A 49 2.66 -13.76 6.95
C SER A 49 3.12 -13.02 8.20
N ALA A 50 3.15 -11.69 8.11
CA ALA A 50 3.56 -10.84 9.23
C ALA A 50 5.00 -11.12 9.63
N TRP A 51 5.80 -11.61 8.68
CA TRP A 51 7.20 -11.91 8.95
C TRP A 51 8.01 -10.63 9.13
N TYR A 52 7.85 -9.68 8.21
CA TYR A 52 8.57 -8.42 8.27
C TYR A 52 7.72 -7.33 8.91
N ASN A 53 6.61 -6.98 8.26
CA ASN A 53 5.72 -5.93 8.76
C ASN A 53 5.02 -6.35 10.04
N CYS A 54 4.72 -7.65 10.17
CA CYS A 54 4.05 -8.18 11.34
C CYS A 54 2.60 -7.72 11.39
N ASN A 55 2.00 -7.55 10.21
CA ASN A 55 0.61 -7.11 10.11
C ASN A 55 0.16 -7.07 8.66
N ARG A 56 -1.13 -7.28 8.44
CA ARG A 56 -1.68 -7.27 7.08
C ARG A 56 -2.62 -6.09 6.88
N TYR A 57 -3.39 -5.77 7.92
CA TYR A 57 -4.33 -4.66 7.86
C TYR A 57 -4.68 -4.16 9.25
N ASN A 58 -5.23 -2.95 9.32
CA ASN A 58 -5.61 -2.36 10.60
C ASN A 58 -6.96 -2.89 11.07
N GLU A 59 -7.06 -3.16 12.37
CA GLU A 59 -8.29 -3.68 12.96
C GLU A 59 -8.75 -2.80 14.12
N PHE A 60 -10.06 -2.66 14.27
CA PHE A 60 -10.63 -1.86 15.35
C PHE A 60 -11.09 -2.74 16.50
N TRP A 1 -3.55 -18.78 -7.51
CA TRP A 1 -4.05 -17.91 -6.42
C TRP A 1 -2.89 -17.19 -5.72
N ILE A 2 -2.89 -15.86 -5.82
CA ILE A 2 -1.84 -15.06 -5.20
C ILE A 2 -2.42 -13.79 -4.56
N ALA A 3 -1.56 -13.01 -3.93
CA ALA A 3 -1.99 -11.77 -3.27
C ALA A 3 -0.80 -10.87 -2.96
N ALA A 4 -1.07 -9.72 -2.36
CA ALA A 4 -0.03 -8.77 -2.00
C ALA A 4 0.70 -8.25 -3.23
N ASN A 5 1.65 -9.04 -3.73
CA ASN A 5 2.43 -8.67 -4.91
C ASN A 5 2.92 -7.23 -4.84
N THR A 6 3.52 -6.75 -5.92
CA THR A 6 4.04 -5.39 -5.97
C THR A 6 3.59 -4.68 -7.24
N LYS A 7 2.82 -3.61 -7.07
CA LYS A 7 2.32 -2.84 -8.21
C LYS A 7 2.07 -1.39 -7.83
N GLU A 8 1.55 -0.61 -8.78
CA GLU A 8 1.25 0.80 -8.54
C GLU A 8 -0.11 0.96 -7.90
N CYS A 9 -0.36 2.13 -7.33
CA CYS A 9 -1.66 2.40 -6.69
C CYS A 9 -2.80 2.13 -7.67
N PRO A 10 -3.76 1.25 -7.33
CA PRO A 10 -4.87 0.92 -8.21
C PRO A 10 -5.82 2.10 -8.45
N LYS A 11 -6.29 2.70 -7.36
CA LYS A 11 -7.22 3.82 -7.44
C LYS A 11 -6.53 5.10 -7.92
N CYS A 12 -5.22 5.19 -7.70
CA CYS A 12 -4.48 6.38 -8.11
C CYS A 12 -3.77 6.15 -9.44
N HIS A 13 -3.26 4.94 -9.64
CA HIS A 13 -2.57 4.56 -10.88
C HIS A 13 -1.27 5.33 -11.08
N VAL A 14 -0.55 5.56 -9.98
CA VAL A 14 0.73 6.26 -10.06
C VAL A 14 1.86 5.39 -9.53
N THR A 15 2.63 4.81 -10.45
CA THR A 15 3.74 3.94 -10.08
C THR A 15 4.81 4.71 -9.31
N ILE A 16 5.36 4.07 -8.29
CA ILE A 16 6.41 4.68 -7.48
C ILE A 16 7.37 3.63 -6.93
N GLU A 17 8.67 3.85 -7.14
CA GLU A 17 9.69 2.92 -6.67
C GLU A 17 10.14 3.28 -5.27
N LYS A 18 10.68 4.48 -5.12
CA LYS A 18 11.16 4.96 -3.82
C LYS A 18 10.11 5.85 -3.16
N ASP A 19 9.94 5.70 -1.85
CA ASP A 19 8.97 6.50 -1.11
C ASP A 19 9.34 7.97 -1.15
N GLY A 20 8.75 8.71 -2.09
CA GLY A 20 9.02 10.12 -2.20
C GLY A 20 7.74 10.94 -2.32
N GLY A 21 7.47 11.75 -1.31
CA GLY A 21 6.27 12.57 -1.32
C GLY A 21 5.07 11.87 -0.72
N CYS A 22 4.96 10.56 -0.96
CA CYS A 22 3.85 9.77 -0.45
C CYS A 22 4.30 8.87 0.70
N ASN A 23 3.89 9.22 1.91
CA ASN A 23 4.23 8.43 3.10
C ASN A 23 3.45 7.12 3.09
N HIS A 24 3.96 6.10 3.79
CA HIS A 24 3.26 4.82 3.81
C HIS A 24 2.03 4.91 4.70
N MET A 25 0.92 5.26 4.05
CA MET A 25 -0.37 5.41 4.71
C MET A 25 -1.45 5.59 3.63
N VAL A 26 -2.58 6.19 3.97
CA VAL A 26 -3.63 6.41 2.99
C VAL A 26 -3.15 7.41 1.93
N CYS A 27 -2.58 6.87 0.86
CA CYS A 27 -2.06 7.67 -0.24
C CYS A 27 -3.05 8.76 -0.63
N ARG A 28 -2.68 10.00 -0.37
CA ARG A 28 -3.53 11.14 -0.69
C ARG A 28 -2.71 12.29 -1.29
N ASN A 29 -1.71 12.00 -2.13
CA ASN A 29 -0.90 13.07 -2.70
C ASN A 29 -1.62 13.79 -3.84
N GLN A 30 -1.45 13.33 -5.08
CA GLN A 30 -2.08 13.98 -6.22
C GLN A 30 -3.23 13.13 -6.75
N ASN A 31 -2.91 12.13 -7.57
CA ASN A 31 -3.93 11.25 -8.11
C ASN A 31 -4.49 10.41 -6.98
N CYS A 32 -3.63 10.14 -6.02
CA CYS A 32 -3.98 9.36 -4.84
C CYS A 32 -4.75 10.20 -3.82
N LYS A 33 -4.74 11.52 -4.01
CA LYS A 33 -5.43 12.43 -3.09
C LYS A 33 -6.88 12.00 -2.83
N ALA A 34 -7.47 11.25 -3.75
CA ALA A 34 -8.86 10.84 -3.58
C ALA A 34 -9.04 9.60 -2.70
N GLU A 35 -8.58 8.44 -3.16
CA GLU A 35 -8.75 7.21 -2.37
C GLU A 35 -7.56 6.26 -2.45
N PHE A 36 -7.44 5.41 -1.43
CA PHE A 36 -6.38 4.40 -1.37
C PHE A 36 -6.94 3.10 -0.78
N CYS A 37 -6.31 1.97 -1.09
CA CYS A 37 -6.78 0.69 -0.57
C CYS A 37 -6.10 0.36 0.74
N TRP A 38 -6.85 0.42 1.83
CA TRP A 38 -6.31 0.14 3.16
C TRP A 38 -5.02 0.92 3.39
N VAL A 39 -4.40 0.70 4.55
CA VAL A 39 -3.16 1.38 4.88
C VAL A 39 -1.97 0.77 4.13
N CYS A 40 -1.88 -0.55 4.18
CA CYS A 40 -0.78 -1.27 3.52
C CYS A 40 -0.97 -1.36 2.00
N LEU A 41 -2.17 -1.73 1.57
CA LEU A 41 -2.49 -1.86 0.15
C LEU A 41 -1.66 -2.95 -0.56
N GLY A 42 -1.74 -4.20 -0.05
CA GLY A 42 -1.07 -5.32 -0.68
C GLY A 42 0.46 -5.28 -0.78
N PRO A 43 1.20 -4.65 0.15
CA PRO A 43 2.67 -4.61 0.08
C PRO A 43 3.27 -6.01 0.04
N TRP A 44 4.60 -6.08 -0.05
CA TRP A 44 5.29 -7.36 -0.11
C TRP A 44 5.55 -7.91 1.29
N GLU A 45 5.96 -7.05 2.20
CA GLU A 45 6.24 -7.45 3.58
C GLU A 45 5.13 -8.34 4.14
N PRO A 46 3.87 -7.88 4.08
CA PRO A 46 2.72 -8.65 4.58
C PRO A 46 2.64 -10.05 3.97
N HIS A 47 3.28 -10.24 2.81
CA HIS A 47 3.28 -11.53 2.14
C HIS A 47 3.78 -12.63 3.06
N GLY A 48 4.54 -12.27 4.08
CA GLY A 48 5.05 -13.25 5.02
C GLY A 48 4.02 -13.70 6.03
N SER A 49 2.79 -13.22 5.89
CA SER A 49 1.72 -13.58 6.81
C SER A 49 1.96 -13.02 8.20
N ALA A 50 2.11 -11.70 8.29
CA ALA A 50 2.35 -11.03 9.56
C ALA A 50 3.66 -11.47 10.19
N TRP A 51 4.60 -11.92 9.37
CA TRP A 51 5.89 -12.37 9.86
C TRP A 51 6.73 -11.19 10.36
N TYR A 52 6.79 -10.13 9.57
CA TYR A 52 7.56 -8.94 9.93
C TYR A 52 6.68 -7.88 10.56
N ASN A 53 5.72 -7.36 9.79
CA ASN A 53 4.81 -6.33 10.28
C ASN A 53 3.90 -6.86 11.38
N CYS A 54 3.48 -8.11 11.25
CA CYS A 54 2.59 -8.73 12.24
C CYS A 54 1.23 -8.07 12.24
N ASN A 55 0.86 -7.46 11.12
CA ASN A 55 -0.43 -6.79 10.99
C ASN A 55 -0.58 -6.17 9.60
N ARG A 56 -1.33 -6.83 8.73
CA ARG A 56 -1.55 -6.35 7.38
C ARG A 56 -2.41 -5.09 7.39
N TYR A 57 -3.66 -5.23 7.84
CA TYR A 57 -4.58 -4.10 7.90
C TYR A 57 -4.68 -3.57 9.31
N ASN A 58 -4.64 -2.24 9.45
CA ASN A 58 -4.73 -1.60 10.76
C ASN A 58 -6.19 -1.37 11.14
N GLU A 59 -6.40 -0.78 12.32
CA GLU A 59 -7.74 -0.50 12.80
C GLU A 59 -7.88 0.96 13.21
N PHE A 60 -9.12 1.43 13.32
CA PHE A 60 -9.39 2.81 13.70
C PHE A 60 -10.63 2.90 14.58
N TRP A 1 -5.60 -19.29 -4.61
CA TRP A 1 -6.22 -17.97 -4.34
C TRP A 1 -5.36 -17.13 -3.41
N ILE A 2 -4.06 -17.13 -3.66
CA ILE A 2 -3.12 -16.36 -2.83
C ILE A 2 -3.33 -14.87 -3.02
N ALA A 3 -2.87 -14.08 -2.05
CA ALA A 3 -3.00 -12.63 -2.12
C ALA A 3 -1.64 -11.95 -1.94
N ALA A 4 -1.67 -10.65 -1.69
CA ALA A 4 -0.44 -9.88 -1.50
C ALA A 4 0.39 -9.84 -2.78
N ASN A 5 0.44 -8.67 -3.41
CA ASN A 5 1.20 -8.50 -4.64
C ASN A 5 1.72 -7.07 -4.76
N THR A 6 2.93 -6.92 -5.30
CA THR A 6 3.52 -5.60 -5.47
C THR A 6 3.10 -4.98 -6.79
N LYS A 7 2.58 -3.75 -6.71
CA LYS A 7 2.12 -3.04 -7.90
C LYS A 7 1.89 -1.57 -7.59
N GLU A 8 1.42 -0.83 -8.60
CA GLU A 8 1.17 0.60 -8.45
C GLU A 8 -0.23 0.84 -7.88
N CYS A 9 -0.45 2.06 -7.38
CA CYS A 9 -1.75 2.42 -6.82
C CYS A 9 -2.87 2.16 -7.84
N PRO A 10 -3.97 1.54 -7.40
CA PRO A 10 -5.09 1.23 -8.30
C PRO A 10 -5.97 2.45 -8.61
N LYS A 11 -6.43 3.14 -7.57
CA LYS A 11 -7.29 4.30 -7.75
C LYS A 11 -6.49 5.52 -8.22
N CYS A 12 -5.17 5.45 -8.13
CA CYS A 12 -4.32 6.56 -8.54
C CYS A 12 -3.48 6.20 -9.77
N HIS A 13 -3.17 4.91 -9.92
CA HIS A 13 -2.39 4.43 -11.06
C HIS A 13 -1.06 5.18 -11.20
N VAL A 14 -0.38 5.39 -10.08
CA VAL A 14 0.91 6.09 -10.08
C VAL A 14 2.01 5.18 -9.55
N THR A 15 2.87 4.69 -10.43
CA THR A 15 3.96 3.81 -10.05
C THR A 15 5.03 4.60 -9.27
N ILE A 16 5.07 4.40 -7.97
CA ILE A 16 6.05 5.09 -7.13
C ILE A 16 7.31 4.25 -6.93
N GLU A 17 8.43 4.76 -7.44
CA GLU A 17 9.70 4.06 -7.32
C GLU A 17 10.39 4.42 -6.00
N LYS A 18 10.63 5.71 -5.80
CA LYS A 18 11.26 6.20 -4.58
C LYS A 18 10.26 7.00 -3.76
N ASP A 19 10.12 6.64 -2.49
CA ASP A 19 9.19 7.34 -1.61
C ASP A 19 9.59 8.79 -1.39
N GLY A 20 9.00 9.67 -2.20
CA GLY A 20 9.31 11.10 -2.09
C GLY A 20 8.06 11.94 -2.03
N GLY A 21 7.81 12.58 -0.90
CA GLY A 21 6.65 13.43 -0.76
C GLY A 21 5.42 12.66 -0.28
N CYS A 22 5.28 11.42 -0.75
CA CYS A 22 4.15 10.59 -0.37
C CYS A 22 4.59 9.48 0.58
N ASN A 23 4.23 9.61 1.85
CA ASN A 23 4.56 8.60 2.86
C ASN A 23 3.87 7.28 2.55
N HIS A 24 4.40 6.16 3.04
CA HIS A 24 3.78 4.88 2.77
C HIS A 24 2.53 4.73 3.62
N MET A 25 1.43 5.18 3.03
CA MET A 25 0.12 5.14 3.67
C MET A 25 -0.92 5.58 2.63
N VAL A 26 -2.07 6.07 3.07
CA VAL A 26 -3.08 6.55 2.12
C VAL A 26 -2.53 7.78 1.42
N CYS A 27 -1.91 7.58 0.26
CA CYS A 27 -1.32 8.69 -0.48
C CYS A 27 -2.39 9.60 -1.03
N ARG A 28 -2.38 10.84 -0.59
CA ARG A 28 -3.34 11.82 -1.04
C ARG A 28 -2.65 13.02 -1.66
N ASN A 29 -1.49 12.82 -2.30
CA ASN A 29 -0.76 13.93 -2.88
C ASN A 29 -1.48 14.55 -4.09
N GLN A 30 -1.28 14.01 -5.28
CA GLN A 30 -1.91 14.56 -6.48
C GLN A 30 -2.97 13.62 -7.06
N ASN A 31 -2.52 12.62 -7.82
CA ASN A 31 -3.44 11.67 -8.42
C ASN A 31 -4.09 10.83 -7.36
N CYS A 32 -3.28 10.48 -6.37
CA CYS A 32 -3.75 9.66 -5.25
C CYS A 32 -4.50 10.52 -4.23
N LYS A 33 -4.55 11.83 -4.46
CA LYS A 33 -5.23 12.75 -3.56
C LYS A 33 -6.66 12.30 -3.25
N ALA A 34 -7.25 11.50 -4.15
CA ALA A 34 -8.63 11.07 -3.95
C ALA A 34 -8.78 9.86 -3.02
N GLU A 35 -8.30 8.68 -3.44
CA GLU A 35 -8.46 7.48 -2.61
C GLU A 35 -7.25 6.54 -2.63
N PHE A 36 -7.16 5.73 -1.58
CA PHE A 36 -6.11 4.71 -1.43
C PHE A 36 -6.72 3.47 -0.78
N CYS A 37 -6.23 2.28 -1.14
CA CYS A 37 -6.77 1.04 -0.58
C CYS A 37 -6.05 0.66 0.69
N TRP A 38 -6.76 0.73 1.81
CA TRP A 38 -6.20 0.39 3.11
C TRP A 38 -4.89 1.14 3.34
N VAL A 39 -4.24 0.88 4.47
CA VAL A 39 -2.98 1.52 4.78
C VAL A 39 -1.82 0.88 4.01
N CYS A 40 -1.76 -0.45 4.03
CA CYS A 40 -0.69 -1.18 3.36
C CYS A 40 -0.91 -1.25 1.84
N LEU A 41 -2.12 -1.64 1.44
CA LEU A 41 -2.46 -1.75 0.02
C LEU A 41 -1.61 -2.79 -0.75
N GLY A 42 -1.61 -4.04 -0.28
CA GLY A 42 -0.90 -5.13 -0.97
C GLY A 42 0.62 -5.05 -1.03
N PRO A 43 1.33 -4.43 -0.06
CA PRO A 43 2.79 -4.36 -0.10
C PRO A 43 3.44 -5.74 -0.16
N TRP A 44 4.76 -5.77 -0.21
CA TRP A 44 5.50 -7.03 -0.28
C TRP A 44 5.73 -7.62 1.11
N GLU A 45 6.08 -6.77 2.06
CA GLU A 45 6.33 -7.20 3.44
C GLU A 45 5.22 -8.12 3.93
N PRO A 46 3.96 -7.69 3.86
CA PRO A 46 2.81 -8.50 4.31
C PRO A 46 2.80 -9.88 3.68
N HIS A 47 3.44 -10.02 2.52
CA HIS A 47 3.51 -11.29 1.80
C HIS A 47 4.02 -12.40 2.72
N GLY A 48 4.76 -12.03 3.75
CA GLY A 48 5.30 -13.00 4.68
C GLY A 48 4.28 -13.46 5.71
N SER A 49 3.04 -12.98 5.59
CA SER A 49 1.97 -13.34 6.50
C SER A 49 2.24 -12.77 7.90
N ALA A 50 2.40 -11.45 7.96
CA ALA A 50 2.65 -10.77 9.23
C ALA A 50 3.86 -11.36 9.94
N TRP A 51 4.88 -11.71 9.18
CA TRP A 51 6.09 -12.29 9.75
C TRP A 51 6.87 -11.25 10.56
N TYR A 52 7.06 -10.07 9.96
CA TYR A 52 7.79 -8.99 10.62
C TYR A 52 6.83 -8.00 11.29
N ASN A 53 6.01 -7.34 10.48
CA ASN A 53 5.04 -6.36 10.99
C ASN A 53 4.10 -6.99 12.01
N CYS A 54 3.86 -8.28 11.89
CA CYS A 54 2.97 -8.99 12.81
C CYS A 54 1.54 -8.47 12.67
N ASN A 55 1.19 -8.02 11.47
CA ASN A 55 -0.15 -7.50 11.21
C ASN A 55 -0.31 -7.14 9.74
N ARG A 56 -1.43 -7.54 9.16
CA ARG A 56 -1.71 -7.27 7.75
C ARG A 56 -2.42 -5.93 7.59
N TYR A 57 -3.68 -5.87 7.99
CA TYR A 57 -4.47 -4.65 7.89
C TYR A 57 -4.80 -4.09 9.28
N ASN A 58 -5.16 -2.82 9.33
CA ASN A 58 -5.52 -2.17 10.58
C ASN A 58 -6.69 -2.87 11.25
N GLU A 59 -6.77 -2.77 12.57
CA GLU A 59 -7.85 -3.39 13.32
C GLU A 59 -8.91 -2.36 13.70
N PHE A 60 -10.14 -2.82 13.90
CA PHE A 60 -11.25 -1.94 14.27
C PHE A 60 -12.36 -2.73 14.96
N TRP A 1 -4.69 -16.55 -1.25
CA TRP A 1 -3.34 -17.09 -0.94
C TRP A 1 -2.24 -16.19 -1.52
N ILE A 2 -2.26 -16.03 -2.85
CA ILE A 2 -1.27 -15.21 -3.52
C ILE A 2 -1.91 -13.96 -4.12
N ALA A 3 -1.64 -12.82 -3.51
CA ALA A 3 -2.20 -11.55 -3.98
C ALA A 3 -1.36 -10.37 -3.49
N ALA A 4 -1.08 -10.35 -2.19
CA ALA A 4 -0.30 -9.28 -1.59
C ALA A 4 1.08 -9.19 -2.23
N ASN A 5 1.21 -8.33 -3.24
CA ASN A 5 2.47 -8.15 -3.94
C ASN A 5 2.75 -6.66 -4.19
N THR A 6 3.86 -6.38 -4.86
CA THR A 6 4.23 -5.00 -5.15
C THR A 6 3.58 -4.53 -6.45
N LYS A 7 2.99 -3.34 -6.41
CA LYS A 7 2.32 -2.78 -7.60
C LYS A 7 2.14 -1.27 -7.46
N GLU A 8 1.58 -0.66 -8.48
CA GLU A 8 1.33 0.77 -8.49
C GLU A 8 -0.06 1.08 -7.93
N CYS A 9 -0.29 2.33 -7.53
CA CYS A 9 -1.59 2.71 -6.99
C CYS A 9 -2.67 2.53 -8.06
N PRO A 10 -3.78 1.83 -7.72
CA PRO A 10 -4.87 1.59 -8.67
C PRO A 10 -5.76 2.81 -8.87
N LYS A 11 -6.25 3.38 -7.78
CA LYS A 11 -7.13 4.55 -7.85
C LYS A 11 -6.35 5.80 -8.27
N CYS A 12 -5.04 5.78 -8.06
CA CYS A 12 -4.19 6.91 -8.43
C CYS A 12 -3.46 6.64 -9.75
N HIS A 13 -3.18 5.37 -10.02
CA HIS A 13 -2.51 4.96 -11.24
C HIS A 13 -1.15 5.65 -11.40
N VAL A 14 -0.46 5.87 -10.29
CA VAL A 14 0.86 6.50 -10.33
C VAL A 14 1.91 5.60 -9.68
N THR A 15 2.66 4.88 -10.51
CA THR A 15 3.68 3.98 -10.01
C THR A 15 4.80 4.75 -9.30
N ILE A 16 5.25 4.22 -8.17
CA ILE A 16 6.32 4.85 -7.41
C ILE A 16 7.30 3.82 -6.88
N GLU A 17 8.57 3.98 -7.23
CA GLU A 17 9.61 3.06 -6.78
C GLU A 17 10.12 3.45 -5.41
N LYS A 18 10.68 4.66 -5.30
CA LYS A 18 11.20 5.15 -4.03
C LYS A 18 10.16 6.01 -3.32
N ASP A 19 9.96 5.76 -2.03
CA ASP A 19 8.99 6.51 -1.26
C ASP A 19 9.39 7.98 -1.16
N GLY A 20 8.84 8.79 -2.05
CA GLY A 20 9.14 10.21 -2.04
C GLY A 20 7.89 11.06 -2.12
N GLY A 21 7.61 11.80 -1.05
CA GLY A 21 6.44 12.65 -1.01
C GLY A 21 5.21 11.92 -0.48
N CYS A 22 5.09 10.65 -0.80
CA CYS A 22 3.95 9.85 -0.35
C CYS A 22 4.38 8.81 0.68
N ASN A 23 4.01 9.04 1.93
CA ASN A 23 4.34 8.13 3.02
C ASN A 23 3.51 6.85 2.89
N HIS A 24 3.97 5.75 3.49
CA HIS A 24 3.22 4.50 3.39
C HIS A 24 1.99 4.57 4.28
N MET A 25 0.90 5.00 3.68
CA MET A 25 -0.37 5.16 4.34
C MET A 25 -1.44 5.46 3.29
N VAL A 26 -2.54 6.10 3.67
CA VAL A 26 -3.57 6.43 2.70
C VAL A 26 -3.03 7.45 1.70
N CYS A 27 -2.48 6.92 0.59
CA CYS A 27 -1.91 7.74 -0.46
C CYS A 27 -2.83 8.90 -0.82
N ARG A 28 -2.36 10.11 -0.57
CA ARG A 28 -3.13 11.31 -0.84
C ARG A 28 -2.24 12.44 -1.38
N ASN A 29 -1.27 12.12 -2.24
CA ASN A 29 -0.38 13.16 -2.77
C ASN A 29 -1.04 13.97 -3.90
N GLN A 30 -0.84 13.56 -5.15
CA GLN A 30 -1.41 14.28 -6.28
C GLN A 30 -2.61 13.54 -6.83
N ASN A 31 -2.37 12.53 -7.66
CA ASN A 31 -3.44 11.75 -8.23
C ASN A 31 -4.06 10.88 -7.13
N CYS A 32 -3.21 10.53 -6.19
CA CYS A 32 -3.61 9.72 -5.05
C CYS A 32 -4.35 10.54 -4.00
N LYS A 33 -4.29 11.86 -4.13
CA LYS A 33 -4.96 12.77 -3.19
C LYS A 33 -6.42 12.38 -2.97
N ALA A 34 -7.02 11.69 -3.94
CA ALA A 34 -8.43 11.34 -3.82
C ALA A 34 -8.70 10.07 -2.99
N GLU A 35 -8.27 8.91 -3.49
CA GLU A 35 -8.53 7.66 -2.75
C GLU A 35 -7.39 6.65 -2.83
N PHE A 36 -7.35 5.76 -1.84
CA PHE A 36 -6.36 4.69 -1.77
C PHE A 36 -7.02 3.43 -1.23
N CYS A 37 -6.47 2.25 -1.54
CA CYS A 37 -7.04 1.01 -1.06
C CYS A 37 -6.44 0.60 0.28
N TRP A 38 -7.24 0.67 1.33
CA TRP A 38 -6.78 0.32 2.66
C TRP A 38 -5.48 1.04 2.98
N VAL A 39 -4.91 0.74 4.15
CA VAL A 39 -3.65 1.34 4.56
C VAL A 39 -2.47 0.72 3.82
N CYS A 40 -2.43 -0.62 3.83
CA CYS A 40 -1.35 -1.36 3.18
C CYS A 40 -1.50 -1.40 1.66
N LEU A 41 -2.69 -1.74 1.18
CA LEU A 41 -2.97 -1.83 -0.25
C LEU A 41 -2.22 -2.99 -0.94
N GLY A 42 -2.28 -4.19 -0.33
CA GLY A 42 -1.66 -5.37 -0.94
C GLY A 42 -0.13 -5.45 -0.98
N PRO A 43 0.62 -4.81 -0.06
CA PRO A 43 2.10 -4.88 -0.08
C PRO A 43 2.61 -6.31 0.04
N TRP A 44 3.91 -6.48 -0.12
CA TRP A 44 4.53 -7.80 -0.02
C TRP A 44 4.82 -8.15 1.44
N GLU A 45 5.25 -7.15 2.19
CA GLU A 45 5.57 -7.31 3.60
C GLU A 45 4.54 -8.19 4.33
N PRO A 46 3.26 -7.80 4.31
CA PRO A 46 2.18 -8.55 4.97
C PRO A 46 2.09 -9.99 4.48
N HIS A 47 2.60 -10.24 3.28
CA HIS A 47 2.58 -11.58 2.71
C HIS A 47 3.25 -12.59 3.63
N GLY A 48 4.12 -12.11 4.50
CA GLY A 48 4.82 -12.98 5.43
C GLY A 48 3.99 -13.34 6.65
N SER A 49 2.74 -12.87 6.70
CA SER A 49 1.87 -13.14 7.82
C SER A 49 2.35 -12.43 9.08
N ALA A 50 2.47 -11.11 8.99
CA ALA A 50 2.93 -10.30 10.11
C ALA A 50 4.36 -10.65 10.50
N TRP A 51 5.13 -11.14 9.54
CA TRP A 51 6.52 -11.51 9.79
C TRP A 51 7.38 -10.27 10.00
N TYR A 52 7.20 -9.27 9.13
CA TYR A 52 7.98 -8.04 9.23
C TYR A 52 7.24 -6.95 10.01
N ASN A 53 6.11 -6.49 9.48
CA ASN A 53 5.34 -5.45 10.13
C ASN A 53 4.08 -6.00 10.80
N CYS A 54 3.19 -6.57 9.99
CA CYS A 54 1.94 -7.13 10.50
C CYS A 54 1.09 -7.70 9.38
N ASN A 55 -0.10 -8.19 9.74
CA ASN A 55 -1.01 -8.78 8.75
C ASN A 55 -1.37 -7.76 7.67
N ARG A 56 -2.26 -8.16 6.77
CA ARG A 56 -2.70 -7.28 5.68
C ARG A 56 -3.54 -6.13 6.21
N TYR A 57 -4.76 -6.44 6.63
CA TYR A 57 -5.67 -5.42 7.16
C TYR A 57 -5.31 -5.07 8.60
N ASN A 58 -5.16 -3.77 8.86
CA ASN A 58 -4.82 -3.30 10.19
C ASN A 58 -6.00 -3.47 11.15
N GLU A 59 -5.69 -3.55 12.44
CA GLU A 59 -6.72 -3.71 13.46
C GLU A 59 -6.92 -2.42 14.25
N PHE A 60 -8.08 -2.28 14.86
CA PHE A 60 -8.40 -1.10 15.65
C PHE A 60 -8.93 -1.48 17.03
N TRP A 1 -3.48 -19.65 -1.21
CA TRP A 1 -2.13 -19.05 -1.04
C TRP A 1 -1.89 -17.93 -2.04
N ILE A 2 -0.87 -17.11 -1.78
CA ILE A 2 -0.54 -16.01 -2.67
C ILE A 2 -1.66 -14.98 -2.70
N ALA A 3 -1.46 -13.88 -1.98
CA ALA A 3 -2.46 -12.82 -1.93
C ALA A 3 -1.83 -11.50 -1.48
N ALA A 4 -0.61 -11.25 -1.93
CA ALA A 4 0.10 -10.02 -1.58
C ALA A 4 1.33 -9.82 -2.46
N ASN A 5 1.24 -8.87 -3.39
CA ASN A 5 2.34 -8.58 -4.30
C ASN A 5 2.56 -7.08 -4.42
N THR A 6 3.54 -6.71 -5.25
CA THR A 6 3.86 -5.30 -5.45
C THR A 6 3.17 -4.76 -6.71
N LYS A 7 2.61 -3.57 -6.61
CA LYS A 7 1.92 -2.95 -7.74
C LYS A 7 1.67 -1.46 -7.48
N GLU A 8 1.16 -0.77 -8.49
CA GLU A 8 0.86 0.65 -8.37
C GLU A 8 -0.51 0.88 -7.77
N CYS A 9 -0.75 2.10 -7.28
CA CYS A 9 -2.03 2.46 -6.69
C CYS A 9 -3.14 2.27 -7.72
N PRO A 10 -4.27 1.63 -7.36
CA PRO A 10 -5.38 1.40 -8.28
C PRO A 10 -6.23 2.64 -8.51
N LYS A 11 -6.59 3.32 -7.43
CA LYS A 11 -7.40 4.54 -7.52
C LYS A 11 -6.58 5.73 -8.01
N CYS A 12 -5.27 5.65 -7.83
CA CYS A 12 -4.38 6.73 -8.25
C CYS A 12 -3.62 6.37 -9.52
N HIS A 13 -3.43 5.06 -9.74
CA HIS A 13 -2.74 4.56 -10.92
C HIS A 13 -1.40 5.26 -11.14
N VAL A 14 -0.72 5.59 -10.05
CA VAL A 14 0.58 6.24 -10.14
C VAL A 14 1.65 5.41 -9.44
N THR A 15 2.42 4.65 -10.22
CA THR A 15 3.47 3.81 -9.67
C THR A 15 4.56 4.66 -9.02
N ILE A 16 4.82 4.39 -7.75
CA ILE A 16 5.83 5.14 -7.01
C ILE A 16 7.10 4.31 -6.83
N GLU A 17 8.19 4.76 -7.45
CA GLU A 17 9.47 4.07 -7.34
C GLU A 17 10.24 4.55 -6.12
N LYS A 18 10.50 5.86 -6.07
CA LYS A 18 11.21 6.46 -4.95
C LYS A 18 10.24 7.15 -4.01
N ASP A 19 10.07 6.61 -2.81
CA ASP A 19 9.15 7.18 -1.84
C ASP A 19 9.60 8.57 -1.41
N GLY A 20 9.03 9.59 -2.05
CA GLY A 20 9.38 10.95 -1.71
C GLY A 20 8.15 11.82 -1.52
N GLY A 21 7.92 12.28 -0.30
CA GLY A 21 6.78 13.11 -0.01
C GLY A 21 5.51 12.32 0.23
N CYS A 22 5.53 11.03 -0.11
CA CYS A 22 4.37 10.17 0.08
C CYS A 22 4.70 9.01 1.02
N ASN A 23 4.16 9.07 2.23
CA ASN A 23 4.38 8.01 3.23
C ASN A 23 3.61 6.77 2.84
N HIS A 24 4.04 5.60 3.32
CA HIS A 24 3.33 4.37 2.98
C HIS A 24 2.03 4.30 3.77
N MET A 25 0.99 4.85 3.16
CA MET A 25 -0.35 4.89 3.73
C MET A 25 -1.30 5.45 2.67
N VAL A 26 -2.43 6.00 3.07
CA VAL A 26 -3.34 6.59 2.11
C VAL A 26 -2.69 7.83 1.52
N CYS A 27 -1.99 7.66 0.40
CA CYS A 27 -1.30 8.76 -0.24
C CYS A 27 -2.28 9.75 -0.84
N ARG A 28 -2.19 10.99 -0.39
CA ARG A 28 -3.06 12.04 -0.87
C ARG A 28 -2.25 13.18 -1.50
N ASN A 29 -1.10 12.86 -2.11
CA ASN A 29 -0.27 13.90 -2.70
C ASN A 29 -0.89 14.54 -3.94
N GLN A 30 -0.65 13.96 -5.12
CA GLN A 30 -1.17 14.53 -6.36
C GLN A 30 -2.28 13.67 -6.97
N ASN A 31 -1.88 12.59 -7.64
CA ASN A 31 -2.85 11.69 -8.26
C ASN A 31 -3.62 10.94 -7.19
N CYS A 32 -2.90 10.54 -6.18
CA CYS A 32 -3.47 9.80 -5.05
C CYS A 32 -4.20 10.74 -4.10
N LYS A 33 -4.14 12.04 -4.36
CA LYS A 33 -4.79 13.03 -3.52
C LYS A 33 -6.26 12.71 -3.28
N ALA A 34 -6.89 11.98 -4.21
CA ALA A 34 -8.30 11.65 -4.08
C ALA A 34 -8.58 10.43 -3.19
N GLU A 35 -8.18 9.25 -3.64
CA GLU A 35 -8.44 8.02 -2.86
C GLU A 35 -7.28 7.03 -2.87
N PHE A 36 -7.25 6.17 -1.85
CA PHE A 36 -6.24 5.13 -1.72
C PHE A 36 -6.90 3.86 -1.14
N CYS A 37 -6.27 2.70 -1.34
CA CYS A 37 -6.83 1.45 -0.82
C CYS A 37 -6.19 1.06 0.51
N TRP A 38 -6.96 1.16 1.59
CA TRP A 38 -6.47 0.82 2.93
C TRP A 38 -5.09 1.42 3.18
N VAL A 39 -4.49 1.08 4.30
CA VAL A 39 -3.16 1.59 4.62
C VAL A 39 -2.07 0.90 3.79
N CYS A 40 -2.08 -0.44 3.81
CA CYS A 40 -1.10 -1.22 3.06
C CYS A 40 -1.44 -1.29 1.58
N LEU A 41 -2.71 -1.57 1.28
CA LEU A 41 -3.21 -1.69 -0.09
C LEU A 41 -2.72 -2.97 -0.82
N GLY A 42 -2.53 -4.06 -0.07
CA GLY A 42 -2.14 -5.32 -0.70
C GLY A 42 -0.65 -5.49 -1.01
N PRO A 43 0.28 -4.85 -0.28
CA PRO A 43 1.71 -4.99 -0.55
C PRO A 43 2.19 -6.44 -0.50
N TRP A 44 3.48 -6.65 -0.74
CA TRP A 44 4.07 -7.99 -0.74
C TRP A 44 4.56 -8.40 0.65
N GLU A 45 5.12 -7.44 1.38
CA GLU A 45 5.65 -7.70 2.72
C GLU A 45 4.65 -8.45 3.60
N PRO A 46 3.34 -8.16 3.50
CA PRO A 46 2.32 -8.85 4.30
C PRO A 46 2.14 -10.31 3.89
N HIS A 47 2.61 -10.64 2.69
CA HIS A 47 2.51 -12.01 2.19
C HIS A 47 3.22 -13.00 3.11
N GLY A 48 4.12 -12.49 3.95
CA GLY A 48 4.84 -13.34 4.87
C GLY A 48 4.01 -13.75 6.08
N SER A 49 2.75 -13.35 6.11
CA SER A 49 1.85 -13.68 7.21
C SER A 49 2.30 -12.99 8.51
N ALA A 50 2.39 -11.66 8.45
CA ALA A 50 2.80 -10.88 9.61
C ALA A 50 4.20 -11.27 10.07
N TRP A 51 5.03 -11.71 9.13
CA TRP A 51 6.39 -12.12 9.44
C TRP A 51 7.25 -10.91 9.80
N TYR A 52 7.19 -9.86 8.98
CA TYR A 52 7.96 -8.65 9.19
C TYR A 52 7.14 -7.58 9.90
N ASN A 53 6.09 -7.11 9.22
CA ASN A 53 5.23 -6.07 9.78
C ASN A 53 4.44 -6.57 10.99
N CYS A 54 4.10 -7.85 10.98
CA CYS A 54 3.34 -8.45 12.08
C CYS A 54 1.90 -7.93 12.09
N ASN A 55 1.40 -7.58 10.91
CA ASN A 55 0.04 -7.07 10.78
C ASN A 55 -0.28 -6.75 9.32
N ARG A 56 -0.98 -7.67 8.66
CA ARG A 56 -1.34 -7.49 7.26
C ARG A 56 -2.24 -6.26 7.08
N TYR A 57 -3.44 -6.34 7.62
CA TYR A 57 -4.39 -5.22 7.52
C TYR A 57 -4.66 -4.62 8.90
N ASN A 58 -5.42 -3.53 8.92
CA ASN A 58 -5.75 -2.85 10.17
C ASN A 58 -7.17 -3.17 10.61
N GLU A 59 -7.54 -2.68 11.79
CA GLU A 59 -8.87 -2.92 12.32
C GLU A 59 -9.39 -1.68 13.05
N PHE A 60 -10.72 -1.54 13.09
CA PHE A 60 -11.33 -0.40 13.76
C PHE A 60 -12.40 -0.87 14.75
N TRP A 1 -4.70 -17.59 -0.32
CA TRP A 1 -3.38 -17.46 0.37
C TRP A 1 -2.49 -16.43 -0.33
N ILE A 2 -2.64 -16.34 -1.66
CA ILE A 2 -1.85 -15.41 -2.44
C ILE A 2 -2.66 -14.16 -2.79
N ALA A 3 -2.05 -12.99 -2.58
CA ALA A 3 -2.72 -11.72 -2.88
C ALA A 3 -1.74 -10.56 -2.74
N ALA A 4 -0.94 -10.58 -1.69
CA ALA A 4 0.03 -9.52 -1.44
C ALA A 4 1.07 -9.45 -2.55
N ASN A 5 1.39 -8.25 -2.98
CA ASN A 5 2.38 -8.04 -4.04
C ASN A 5 2.67 -6.55 -4.24
N THR A 6 3.64 -6.26 -5.10
CA THR A 6 4.02 -4.88 -5.38
C THR A 6 3.41 -4.41 -6.69
N LYS A 7 2.56 -3.38 -6.60
CA LYS A 7 1.91 -2.83 -7.78
C LYS A 7 1.72 -1.32 -7.65
N GLU A 8 1.09 -0.72 -8.64
CA GLU A 8 0.84 0.73 -8.63
C GLU A 8 -0.57 1.02 -8.12
N CYS A 9 -0.77 2.24 -7.64
CA CYS A 9 -2.08 2.64 -7.13
C CYS A 9 -3.13 2.55 -8.23
N PRO A 10 -4.26 1.87 -7.98
CA PRO A 10 -5.33 1.72 -8.97
C PRO A 10 -6.21 2.95 -9.08
N LYS A 11 -6.64 3.48 -7.93
CA LYS A 11 -7.49 4.66 -7.90
C LYS A 11 -6.69 5.93 -8.20
N CYS A 12 -5.37 5.82 -8.16
CA CYS A 12 -4.51 6.97 -8.43
C CYS A 12 -3.76 6.78 -9.75
N HIS A 13 -3.39 5.53 -10.04
CA HIS A 13 -2.68 5.19 -11.27
C HIS A 13 -1.27 5.78 -11.31
N VAL A 14 -0.60 5.81 -10.16
CA VAL A 14 0.77 6.33 -10.09
C VAL A 14 1.72 5.27 -9.57
N THR A 15 2.61 4.78 -10.44
CA THR A 15 3.58 3.76 -10.06
C THR A 15 4.84 4.41 -9.50
N ILE A 16 5.09 4.17 -8.21
CA ILE A 16 6.26 4.71 -7.54
C ILE A 16 7.17 3.61 -7.04
N GLU A 17 8.44 3.65 -7.45
CA GLU A 17 9.42 2.65 -7.05
C GLU A 17 9.86 2.89 -5.60
N LYS A 18 10.27 4.11 -5.30
CA LYS A 18 10.72 4.47 -3.96
C LYS A 18 9.66 5.31 -3.26
N ASP A 19 9.71 5.31 -1.93
CA ASP A 19 8.76 6.07 -1.13
C ASP A 19 9.31 7.46 -0.78
N GLY A 20 8.92 8.46 -1.56
CA GLY A 20 9.39 9.81 -1.32
C GLY A 20 8.26 10.81 -1.30
N GLY A 21 8.03 11.41 -0.14
CA GLY A 21 6.97 12.40 -0.02
C GLY A 21 5.66 11.79 0.42
N CYS A 22 5.37 10.58 -0.04
CA CYS A 22 4.14 9.89 0.31
C CYS A 22 4.41 8.76 1.31
N ASN A 23 4.02 8.95 2.56
CA ASN A 23 4.20 7.94 3.59
C ASN A 23 3.35 6.72 3.28
N HIS A 24 3.69 5.56 3.83
CA HIS A 24 2.92 4.37 3.55
C HIS A 24 1.61 4.41 4.33
N MET A 25 0.61 4.98 3.67
CA MET A 25 -0.73 5.12 4.22
C MET A 25 -1.67 5.59 3.11
N VAL A 26 -2.79 6.20 3.46
CA VAL A 26 -3.69 6.71 2.44
C VAL A 26 -3.00 7.85 1.69
N CYS A 27 -2.33 7.51 0.60
CA CYS A 27 -1.59 8.51 -0.18
C CYS A 27 -2.52 9.54 -0.77
N ARG A 28 -2.30 10.79 -0.39
CA ARG A 28 -3.11 11.89 -0.88
C ARG A 28 -2.22 12.97 -1.50
N ASN A 29 -1.09 12.59 -2.10
CA ASN A 29 -0.20 13.59 -2.68
C ASN A 29 -0.78 14.25 -3.93
N GLN A 30 -0.58 13.65 -5.10
CA GLN A 30 -1.08 14.23 -6.34
C GLN A 30 -2.25 13.47 -6.92
N ASN A 31 -1.96 12.37 -7.62
CA ASN A 31 -3.01 11.55 -8.22
C ASN A 31 -3.80 10.83 -7.15
N CYS A 32 -3.09 10.46 -6.11
CA CYS A 32 -3.69 9.75 -4.98
C CYS A 32 -4.37 10.73 -4.01
N LYS A 33 -4.22 12.03 -4.28
CA LYS A 33 -4.81 13.06 -3.42
C LYS A 33 -6.27 12.77 -3.10
N ALA A 34 -6.97 12.10 -4.01
CA ALA A 34 -8.39 11.82 -3.81
C ALA A 34 -8.66 10.56 -2.97
N GLU A 35 -8.33 9.38 -3.50
CA GLU A 35 -8.60 8.14 -2.78
C GLU A 35 -7.50 7.08 -2.93
N PHE A 36 -7.47 6.15 -1.96
CA PHE A 36 -6.53 5.03 -1.95
C PHE A 36 -7.26 3.79 -1.43
N CYS A 37 -6.70 2.61 -1.66
CA CYS A 37 -7.35 1.38 -1.19
C CYS A 37 -6.72 0.90 0.11
N TRP A 38 -7.50 0.96 1.18
CA TRP A 38 -7.04 0.54 2.49
C TRP A 38 -5.71 1.20 2.83
N VAL A 39 -5.15 0.84 3.99
CA VAL A 39 -3.88 1.40 4.41
C VAL A 39 -2.71 0.76 3.66
N CYS A 40 -2.70 -0.56 3.62
CA CYS A 40 -1.64 -1.31 2.95
C CYS A 40 -1.79 -1.33 1.43
N LEU A 41 -3.00 -1.64 0.96
CA LEU A 41 -3.29 -1.72 -0.47
C LEU A 41 -2.58 -2.90 -1.16
N GLY A 42 -2.63 -4.08 -0.54
CA GLY A 42 -2.04 -5.28 -1.16
C GLY A 42 -0.51 -5.33 -1.28
N PRO A 43 0.27 -4.71 -0.38
CA PRO A 43 1.74 -4.75 -0.47
C PRO A 43 2.29 -6.17 -0.46
N TRP A 44 3.60 -6.30 -0.68
CA TRP A 44 4.25 -7.61 -0.69
C TRP A 44 4.75 -8.02 0.69
N GLU A 45 5.19 -7.03 1.48
CA GLU A 45 5.70 -7.29 2.82
C GLU A 45 4.73 -8.13 3.67
N PRO A 46 3.41 -7.94 3.53
CA PRO A 46 2.42 -8.70 4.31
C PRO A 46 2.39 -10.17 3.92
N HIS A 47 2.88 -10.47 2.72
CA HIS A 47 2.91 -11.85 2.24
C HIS A 47 3.71 -12.75 3.18
N GLY A 48 4.56 -12.15 3.99
CA GLY A 48 5.37 -12.92 4.93
C GLY A 48 4.59 -13.37 6.16
N SER A 49 3.31 -13.03 6.21
CA SER A 49 2.46 -13.41 7.33
C SER A 49 2.91 -12.73 8.62
N ALA A 50 2.96 -11.40 8.59
CA ALA A 50 3.37 -10.62 9.75
C ALA A 50 4.81 -10.96 10.16
N TRP A 51 5.63 -11.30 9.18
CA TRP A 51 7.02 -11.64 9.45
C TRP A 51 7.83 -10.41 9.84
N TYR A 52 7.69 -9.34 9.06
CA TYR A 52 8.40 -8.10 9.32
C TYR A 52 7.54 -7.10 10.09
N ASN A 53 6.46 -6.65 9.47
CA ASN A 53 5.56 -5.67 10.09
C ASN A 53 4.79 -6.27 11.26
N CYS A 54 4.58 -7.58 11.23
CA CYS A 54 3.84 -8.26 12.28
C CYS A 54 2.37 -7.90 12.23
N ASN A 55 1.86 -7.67 11.03
CA ASN A 55 0.46 -7.31 10.84
C ASN A 55 0.14 -7.14 9.35
N ARG A 56 -0.63 -8.08 8.81
CA ARG A 56 -1.00 -8.02 7.40
C ARG A 56 -1.74 -6.73 7.08
N TYR A 57 -2.87 -6.51 7.74
CA TYR A 57 -3.66 -5.30 7.52
C TYR A 57 -4.08 -4.68 8.85
N ASN A 58 -4.41 -3.39 8.81
CA ASN A 58 -4.82 -2.68 10.02
C ASN A 58 -6.34 -2.50 10.04
N GLU A 59 -7.02 -3.35 10.80
CA GLU A 59 -8.47 -3.28 10.91
C GLU A 59 -8.89 -2.65 12.24
N PHE A 60 -10.09 -2.09 12.28
CA PHE A 60 -10.60 -1.47 13.48
C PHE A 60 -12.00 -1.98 13.82
N TRP A 1 -2.74 -19.58 -2.00
CA TRP A 1 -3.70 -18.59 -2.55
C TRP A 1 -3.05 -17.24 -2.79
N ILE A 2 -2.81 -16.93 -4.06
CA ILE A 2 -2.16 -15.67 -4.44
C ILE A 2 -2.84 -14.48 -3.76
N ALA A 3 -2.03 -13.52 -3.31
CA ALA A 3 -2.56 -12.33 -2.65
C ALA A 3 -1.45 -11.32 -2.38
N ALA A 4 -1.83 -10.16 -1.84
CA ALA A 4 -0.87 -9.10 -1.54
C ALA A 4 -0.17 -8.61 -2.81
N ASN A 5 0.89 -9.31 -3.21
CA ASN A 5 1.65 -8.94 -4.40
C ASN A 5 2.13 -7.49 -4.31
N THR A 6 2.71 -7.00 -5.40
CA THR A 6 3.23 -5.63 -5.44
C THR A 6 2.89 -4.97 -6.78
N LYS A 7 2.37 -3.75 -6.71
CA LYS A 7 2.00 -3.02 -7.91
C LYS A 7 1.76 -1.54 -7.59
N GLU A 8 1.37 -0.78 -8.60
CA GLU A 8 1.11 0.65 -8.43
C GLU A 8 -0.32 0.89 -7.96
N CYS A 9 -0.58 2.08 -7.44
CA CYS A 9 -1.92 2.43 -6.96
C CYS A 9 -2.95 2.23 -8.06
N PRO A 10 -4.10 1.59 -7.75
CA PRO A 10 -5.14 1.34 -8.74
C PRO A 10 -5.98 2.57 -9.04
N LYS A 11 -6.49 3.21 -8.00
CA LYS A 11 -7.32 4.41 -8.16
C LYS A 11 -6.48 5.63 -8.51
N CYS A 12 -5.16 5.53 -8.34
CA CYS A 12 -4.27 6.63 -8.64
C CYS A 12 -3.40 6.33 -9.87
N HIS A 13 -3.01 5.06 -10.01
CA HIS A 13 -2.20 4.63 -11.15
C HIS A 13 -0.84 5.30 -11.20
N VAL A 14 -0.25 5.53 -10.03
CA VAL A 14 1.08 6.15 -9.96
C VAL A 14 2.07 5.23 -9.24
N THR A 15 2.98 4.65 -10.02
CA THR A 15 3.98 3.74 -9.46
C THR A 15 5.11 4.53 -8.78
N ILE A 16 5.43 4.17 -7.55
CA ILE A 16 6.49 4.84 -6.82
C ILE A 16 7.50 3.83 -6.27
N GLU A 17 8.74 3.92 -6.75
CA GLU A 17 9.79 3.02 -6.31
C GLU A 17 10.39 3.49 -4.99
N LYS A 18 10.69 4.79 -4.92
CA LYS A 18 11.26 5.37 -3.70
C LYS A 18 10.22 6.23 -2.99
N ASP A 19 9.94 5.89 -1.74
CA ASP A 19 8.95 6.62 -0.95
C ASP A 19 9.42 8.06 -0.71
N GLY A 20 8.95 8.97 -1.55
CA GLY A 20 9.32 10.37 -1.41
C GLY A 20 8.11 11.29 -1.46
N GLY A 21 7.82 11.94 -0.33
CA GLY A 21 6.69 12.84 -0.27
C GLY A 21 5.40 12.14 0.13
N CYS A 22 5.24 10.90 -0.31
CA CYS A 22 4.04 10.13 0.00
C CYS A 22 4.35 9.07 1.07
N ASN A 23 3.85 9.30 2.29
CA ASN A 23 4.05 8.36 3.39
C ASN A 23 3.24 7.10 3.15
N HIS A 24 3.64 5.99 3.77
CA HIS A 24 2.91 4.74 3.58
C HIS A 24 1.60 4.79 4.36
N MET A 25 0.58 5.26 3.67
CA MET A 25 -0.77 5.40 4.23
C MET A 25 -1.70 5.80 3.10
N VAL A 26 -2.85 6.42 3.42
CA VAL A 26 -3.76 6.85 2.36
C VAL A 26 -3.09 7.97 1.58
N CYS A 27 -2.39 7.60 0.50
CA CYS A 27 -1.69 8.60 -0.31
C CYS A 27 -2.64 9.58 -0.92
N ARG A 28 -2.47 10.84 -0.58
CA ARG A 28 -3.31 11.90 -1.11
C ARG A 28 -2.46 13.00 -1.75
N ASN A 29 -1.31 12.63 -2.35
CA ASN A 29 -0.45 13.63 -2.96
C ASN A 29 -1.06 14.25 -4.23
N GLN A 30 -0.85 13.62 -5.39
CA GLN A 30 -1.37 14.15 -6.64
C GLN A 30 -2.49 13.29 -7.21
N ASN A 31 -2.13 12.21 -7.88
CA ASN A 31 -3.12 11.32 -8.47
C ASN A 31 -3.89 10.60 -7.39
N CYS A 32 -3.20 10.29 -6.31
CA CYS A 32 -3.80 9.62 -5.18
C CYS A 32 -4.50 10.61 -4.25
N LYS A 33 -4.41 11.90 -4.56
CA LYS A 33 -5.02 12.92 -3.73
C LYS A 33 -6.49 12.62 -3.41
N ALA A 34 -7.16 11.90 -4.31
CA ALA A 34 -8.57 11.59 -4.11
C ALA A 34 -8.81 10.37 -3.20
N GLU A 35 -8.46 9.18 -3.68
CA GLU A 35 -8.69 7.97 -2.89
C GLU A 35 -7.58 6.92 -3.02
N PHE A 36 -7.50 6.05 -2.00
CA PHE A 36 -6.54 4.95 -1.97
C PHE A 36 -7.22 3.72 -1.36
N CYS A 37 -6.61 2.55 -1.49
CA CYS A 37 -7.20 1.33 -0.92
C CYS A 37 -6.52 0.97 0.38
N TRP A 38 -7.24 1.13 1.48
CA TRP A 38 -6.71 0.84 2.81
C TRP A 38 -5.36 1.52 3.01
N VAL A 39 -4.74 1.28 4.16
CA VAL A 39 -3.44 1.87 4.46
C VAL A 39 -2.32 1.11 3.75
N CYS A 40 -2.35 -0.22 3.87
CA CYS A 40 -1.33 -1.07 3.26
C CYS A 40 -1.52 -1.22 1.75
N LEU A 41 -2.73 -1.52 1.33
CA LEU A 41 -3.05 -1.70 -0.09
C LEU A 41 -2.31 -2.88 -0.74
N GLY A 42 -2.48 -4.09 -0.21
CA GLY A 42 -1.87 -5.28 -0.81
C GLY A 42 -0.34 -5.34 -0.86
N PRO A 43 0.41 -4.75 0.10
CA PRO A 43 1.87 -4.80 0.08
C PRO A 43 2.40 -6.23 0.02
N TRP A 44 3.70 -6.38 -0.24
CA TRP A 44 4.33 -7.68 -0.32
C TRP A 44 4.79 -8.15 1.06
N GLU A 45 5.22 -7.20 1.89
CA GLU A 45 5.69 -7.51 3.24
C GLU A 45 4.76 -8.48 3.95
N PRO A 46 3.45 -8.20 3.99
CA PRO A 46 2.47 -9.07 4.65
C PRO A 46 2.46 -10.48 4.07
N HIS A 47 2.94 -10.61 2.84
CA HIS A 47 2.99 -11.91 2.17
C HIS A 47 3.74 -12.94 3.01
N GLY A 48 4.62 -12.45 3.89
CA GLY A 48 5.39 -13.33 4.74
C GLY A 48 4.62 -13.79 5.97
N SER A 49 3.35 -13.40 6.06
CA SER A 49 2.51 -13.79 7.19
C SER A 49 2.97 -13.09 8.47
N ALA A 50 3.06 -11.77 8.42
CA ALA A 50 3.48 -10.97 9.57
C ALA A 50 4.92 -11.27 9.98
N TRP A 51 5.70 -11.81 9.04
CA TRP A 51 7.10 -12.13 9.33
C TRP A 51 7.93 -10.86 9.47
N TYR A 52 7.77 -9.95 8.51
CA TYR A 52 8.52 -8.69 8.53
C TYR A 52 7.71 -7.56 9.15
N ASN A 53 6.60 -7.21 8.50
CA ASN A 53 5.73 -6.14 8.98
C ASN A 53 5.02 -6.52 10.28
N CYS A 54 4.70 -7.81 10.42
CA CYS A 54 4.01 -8.30 11.60
C CYS A 54 2.60 -7.73 11.69
N ASN A 55 2.01 -7.44 10.54
CA ASN A 55 0.66 -6.88 10.48
C ASN A 55 0.23 -6.66 9.02
N ARG A 56 -1.02 -6.98 8.73
CA ARG A 56 -1.56 -6.80 7.38
C ARG A 56 -2.46 -5.58 7.30
N TYR A 57 -3.30 -5.40 8.33
CA TYR A 57 -4.21 -4.27 8.37
C TYR A 57 -4.52 -3.87 9.82
N ASN A 58 -4.94 -2.63 10.01
CA ASN A 58 -5.28 -2.14 11.34
C ASN A 58 -6.71 -2.50 11.71
N GLU A 59 -7.01 -2.45 13.00
CA GLU A 59 -8.34 -2.76 13.49
C GLU A 59 -9.17 -1.49 13.71
N PHE A 60 -10.49 -1.65 13.72
CA PHE A 60 -11.39 -0.52 13.91
C PHE A 60 -12.54 -0.89 14.83
N TRP A 1 -2.80 -17.13 -0.57
CA TRP A 1 -3.82 -16.05 -0.63
C TRP A 1 -3.57 -15.11 -1.80
N ILE A 2 -4.55 -14.99 -2.68
CA ILE A 2 -4.43 -14.12 -3.84
C ILE A 2 -4.85 -12.69 -3.51
N ALA A 3 -4.13 -12.07 -2.59
CA ALA A 3 -4.43 -10.71 -2.18
C ALA A 3 -3.20 -10.04 -1.56
N ALA A 4 -2.02 -10.39 -2.06
CA ALA A 4 -0.78 -9.83 -1.56
C ALA A 4 0.27 -9.73 -2.68
N ASN A 5 0.10 -8.75 -3.56
CA ASN A 5 1.03 -8.54 -4.67
C ASN A 5 1.55 -7.11 -4.69
N THR A 6 2.81 -6.96 -5.06
CA THR A 6 3.43 -5.64 -5.13
C THR A 6 3.18 -4.99 -6.48
N LYS A 7 2.66 -3.76 -6.45
CA LYS A 7 2.37 -3.02 -7.67
C LYS A 7 2.11 -1.54 -7.36
N GLU A 8 1.81 -0.77 -8.40
CA GLU A 8 1.55 0.66 -8.25
C GLU A 8 0.09 0.89 -7.88
N CYS A 9 -0.22 2.08 -7.40
CA CYS A 9 -1.58 2.43 -6.99
C CYS A 9 -2.55 2.21 -8.16
N PRO A 10 -3.59 1.38 -7.96
CA PRO A 10 -4.58 1.09 -9.00
C PRO A 10 -5.59 2.21 -9.17
N LYS A 11 -6.15 2.68 -8.06
CA LYS A 11 -7.14 3.75 -8.08
C LYS A 11 -6.49 5.08 -8.46
N CYS A 12 -5.20 5.22 -8.16
CA CYS A 12 -4.47 6.43 -8.48
C CYS A 12 -3.69 6.27 -9.78
N HIS A 13 -3.28 5.03 -10.07
CA HIS A 13 -2.55 4.72 -11.30
C HIS A 13 -1.20 5.44 -11.37
N VAL A 14 -0.50 5.52 -10.25
CA VAL A 14 0.81 6.17 -10.21
C VAL A 14 1.89 5.19 -9.74
N THR A 15 2.96 5.10 -10.51
CA THR A 15 4.06 4.21 -10.17
C THR A 15 5.16 4.97 -9.43
N ILE A 16 5.22 4.77 -8.11
CA ILE A 16 6.22 5.43 -7.29
C ILE A 16 7.26 4.45 -6.76
N GLU A 17 8.51 4.63 -7.19
CA GLU A 17 9.60 3.76 -6.76
C GLU A 17 10.12 4.18 -5.39
N LYS A 18 10.58 5.43 -5.30
CA LYS A 18 11.10 5.95 -4.05
C LYS A 18 10.04 6.78 -3.32
N ASP A 19 9.76 6.40 -2.08
CA ASP A 19 8.75 7.10 -1.29
C ASP A 19 9.18 8.55 -1.01
N GLY A 20 8.68 9.47 -1.83
CA GLY A 20 9.01 10.87 -1.66
C GLY A 20 7.77 11.75 -1.68
N GLY A 21 7.48 12.38 -0.54
CA GLY A 21 6.32 13.25 -0.45
C GLY A 21 5.08 12.52 0.02
N CYS A 22 4.93 11.27 -0.41
CA CYS A 22 3.78 10.46 -0.01
C CYS A 22 4.17 9.39 0.99
N ASN A 23 3.76 9.57 2.25
CA ASN A 23 4.06 8.62 3.31
C ASN A 23 3.35 7.30 3.03
N HIS A 24 3.86 6.20 3.60
CA HIS A 24 3.23 4.90 3.36
C HIS A 24 1.95 4.80 4.18
N MET A 25 0.86 5.22 3.53
CA MET A 25 -0.47 5.21 4.13
C MET A 25 -1.47 5.57 3.04
N VAL A 26 -2.65 6.07 3.41
CA VAL A 26 -3.62 6.47 2.41
C VAL A 26 -3.07 7.67 1.65
N CYS A 27 -2.37 7.40 0.54
CA CYS A 27 -1.77 8.47 -0.25
C CYS A 27 -2.82 9.37 -0.86
N ARG A 28 -2.77 10.63 -0.47
CA ARG A 28 -3.70 11.61 -0.98
C ARG A 28 -2.94 12.82 -1.55
N ASN A 29 -1.77 12.59 -2.15
CA ASN A 29 -0.98 13.70 -2.66
C ASN A 29 -1.49 14.26 -4.00
N GLN A 30 -1.09 13.66 -5.11
CA GLN A 30 -1.49 14.16 -6.43
C GLN A 30 -2.66 13.38 -7.02
N ASN A 31 -2.38 12.25 -7.63
CA ASN A 31 -3.42 11.44 -8.25
C ASN A 31 -4.13 10.60 -7.20
N CYS A 32 -3.39 10.20 -6.20
CA CYS A 32 -3.92 9.41 -5.10
C CYS A 32 -4.73 10.29 -4.15
N LYS A 33 -4.76 11.60 -4.41
CA LYS A 33 -5.48 12.54 -3.58
C LYS A 33 -6.91 12.08 -3.29
N ALA A 34 -7.50 11.31 -4.22
CA ALA A 34 -8.88 10.86 -4.04
C ALA A 34 -9.00 9.60 -3.16
N GLU A 35 -8.53 8.45 -3.64
CA GLU A 35 -8.66 7.21 -2.87
C GLU A 35 -7.45 6.27 -3.00
N PHE A 36 -7.32 5.40 -1.99
CA PHE A 36 -6.26 4.39 -1.96
C PHE A 36 -6.83 3.10 -1.36
N CYS A 37 -6.14 1.97 -1.56
CA CYS A 37 -6.63 0.70 -1.00
C CYS A 37 -5.90 0.39 0.31
N TRP A 38 -6.63 0.47 1.41
CA TRP A 38 -6.07 0.19 2.72
C TRP A 38 -4.79 1.01 2.93
N VAL A 39 -4.15 0.82 4.07
CA VAL A 39 -2.91 1.53 4.37
C VAL A 39 -1.72 0.92 3.63
N CYS A 40 -1.60 -0.40 3.70
CA CYS A 40 -0.50 -1.12 3.07
C CYS A 40 -0.69 -1.25 1.56
N LEU A 41 -1.88 -1.67 1.14
CA LEU A 41 -2.20 -1.86 -0.28
C LEU A 41 -1.37 -2.98 -0.94
N GLY A 42 -1.39 -4.18 -0.36
CA GLY A 42 -0.70 -5.32 -0.96
C GLY A 42 0.84 -5.26 -1.05
N PRO A 43 1.55 -4.57 -0.15
CA PRO A 43 3.02 -4.51 -0.21
C PRO A 43 3.68 -5.88 -0.20
N TRP A 44 5.00 -5.91 -0.29
CA TRP A 44 5.75 -7.16 -0.30
C TRP A 44 5.82 -7.79 1.09
N GLU A 45 6.16 -6.98 2.09
CA GLU A 45 6.28 -7.46 3.46
C GLU A 45 5.07 -8.32 3.87
N PRO A 46 3.84 -7.79 3.77
CA PRO A 46 2.64 -8.55 4.13
C PRO A 46 2.56 -9.89 3.41
N HIS A 47 3.21 -9.98 2.26
CA HIS A 47 3.21 -11.21 1.47
C HIS A 47 3.77 -12.37 2.28
N GLY A 48 4.54 -12.06 3.31
CA GLY A 48 5.13 -13.10 4.16
C GLY A 48 4.15 -13.64 5.17
N SER A 49 2.90 -13.17 5.13
CA SER A 49 1.87 -13.63 6.06
C SER A 49 2.18 -13.17 7.47
N ALA A 50 2.57 -11.91 7.61
CA ALA A 50 2.89 -11.34 8.91
C ALA A 50 4.04 -12.10 9.57
N TRP A 51 5.05 -12.45 8.79
CA TRP A 51 6.20 -13.18 9.31
C TRP A 51 7.04 -12.29 10.22
N TYR A 52 7.34 -11.08 9.74
CA TYR A 52 8.15 -10.15 10.51
C TYR A 52 7.27 -9.16 11.27
N ASN A 53 6.53 -8.34 10.53
CA ASN A 53 5.65 -7.34 11.12
C ASN A 53 4.62 -7.98 12.06
N CYS A 54 4.32 -9.24 11.82
CA CYS A 54 3.33 -9.96 12.64
C CYS A 54 1.94 -9.37 12.46
N ASN A 55 1.71 -8.76 11.29
CA ASN A 55 0.41 -8.17 11.00
C ASN A 55 0.29 -7.85 9.51
N ARG A 56 -0.94 -7.66 9.05
CA ARG A 56 -1.18 -7.36 7.63
C ARG A 56 -1.78 -5.96 7.47
N TYR A 57 -2.92 -5.72 8.10
CA TYR A 57 -3.58 -4.43 8.02
C TYR A 57 -4.01 -3.95 9.41
N ASN A 58 -4.41 -2.68 9.49
CA ASN A 58 -4.84 -2.10 10.76
C ASN A 58 -6.30 -1.65 10.68
N GLU A 59 -7.10 -2.06 11.66
CA GLU A 59 -8.50 -1.69 11.70
C GLU A 59 -8.83 -0.94 12.99
N PHE A 60 -10.08 -0.50 13.12
CA PHE A 60 -10.51 0.24 14.30
C PHE A 60 -11.73 -0.41 14.93
N TRP A 1 -5.99 -16.65 -2.50
CA TRP A 1 -5.25 -17.18 -1.33
C TRP A 1 -4.06 -16.28 -0.96
N ILE A 2 -4.31 -15.34 -0.05
CA ILE A 2 -3.27 -14.41 0.38
C ILE A 2 -2.76 -13.56 -0.79
N ALA A 3 -3.12 -12.29 -0.79
CA ALA A 3 -2.71 -11.38 -1.85
C ALA A 3 -1.57 -10.48 -1.38
N ALA A 4 -0.44 -10.54 -2.08
CA ALA A 4 0.72 -9.73 -1.73
C ALA A 4 1.66 -9.59 -2.92
N ASN A 5 1.93 -8.35 -3.31
CA ASN A 5 2.82 -8.08 -4.44
C ASN A 5 3.06 -6.58 -4.60
N THR A 6 4.13 -6.23 -5.30
CA THR A 6 4.47 -4.83 -5.52
C THR A 6 3.84 -4.32 -6.82
N LYS A 7 2.95 -3.34 -6.69
CA LYS A 7 2.28 -2.76 -7.85
C LYS A 7 1.99 -1.28 -7.63
N GLU A 8 1.34 -0.66 -8.60
CA GLU A 8 1.01 0.76 -8.52
C GLU A 8 -0.34 0.95 -7.84
N CYS A 9 -0.58 2.17 -7.34
CA CYS A 9 -1.84 2.49 -6.68
C CYS A 9 -3.02 2.22 -7.62
N PRO A 10 -4.01 1.43 -7.18
CA PRO A 10 -5.18 1.11 -8.02
C PRO A 10 -6.08 2.31 -8.28
N LYS A 11 -6.50 2.99 -7.22
CA LYS A 11 -7.38 4.14 -7.33
C LYS A 11 -6.66 5.37 -7.85
N CYS A 12 -5.34 5.41 -7.69
CA CYS A 12 -4.55 6.56 -8.14
C CYS A 12 -3.86 6.25 -9.47
N HIS A 13 -3.43 5.01 -9.63
CA HIS A 13 -2.77 4.55 -10.86
C HIS A 13 -1.44 5.27 -11.10
N VAL A 14 -0.71 5.56 -10.02
CA VAL A 14 0.58 6.21 -10.14
C VAL A 14 1.69 5.35 -9.53
N THR A 15 2.42 4.64 -10.38
CA THR A 15 3.49 3.78 -9.93
C THR A 15 4.61 4.59 -9.26
N ILE A 16 4.85 4.31 -7.99
CA ILE A 16 5.89 5.02 -7.25
C ILE A 16 7.18 4.21 -7.19
N GLU A 17 8.23 4.74 -7.80
CA GLU A 17 9.52 4.07 -7.83
C GLU A 17 10.30 4.36 -6.54
N LYS A 18 10.56 5.64 -6.31
CA LYS A 18 11.27 6.07 -5.11
C LYS A 18 10.33 6.81 -4.17
N ASP A 19 10.22 6.34 -2.94
CA ASP A 19 9.34 6.96 -1.96
C ASP A 19 9.80 8.38 -1.63
N GLY A 20 9.21 9.35 -2.30
CA GLY A 20 9.56 10.74 -2.07
C GLY A 20 8.33 11.61 -1.90
N GLY A 21 8.14 12.14 -0.69
CA GLY A 21 7.00 12.99 -0.43
C GLY A 21 5.77 12.20 -0.01
N CYS A 22 5.58 11.02 -0.59
CA CYS A 22 4.44 10.18 -0.27
C CYS A 22 4.85 9.03 0.65
N ASN A 23 4.44 9.11 1.90
CA ASN A 23 4.75 8.07 2.89
C ASN A 23 3.95 6.81 2.59
N HIS A 24 4.43 5.65 3.04
CA HIS A 24 3.71 4.41 2.76
C HIS A 24 2.48 4.33 3.66
N MET A 25 1.39 4.86 3.12
CA MET A 25 0.10 4.90 3.80
C MET A 25 -0.93 5.41 2.81
N VAL A 26 -2.05 5.96 3.30
CA VAL A 26 -3.04 6.52 2.39
C VAL A 26 -2.45 7.74 1.72
N CYS A 27 -1.86 7.53 0.54
CA CYS A 27 -1.22 8.63 -0.18
C CYS A 27 -2.25 9.60 -0.74
N ARG A 28 -2.10 10.85 -0.35
CA ARG A 28 -3.01 11.90 -0.80
C ARG A 28 -2.23 13.03 -1.47
N ASN A 29 -1.11 12.71 -2.14
CA ASN A 29 -0.32 13.76 -2.77
C ASN A 29 -1.00 14.38 -3.99
N GLN A 30 -0.84 13.77 -5.17
CA GLN A 30 -1.43 14.32 -6.39
C GLN A 30 -2.59 13.49 -6.89
N ASN A 31 -2.28 12.41 -7.61
CA ASN A 31 -3.33 11.53 -8.14
C ASN A 31 -3.99 10.78 -7.00
N CYS A 32 -3.19 10.41 -6.04
CA CYS A 32 -3.67 9.68 -4.86
C CYS A 32 -4.34 10.62 -3.88
N LYS A 33 -4.30 11.92 -4.16
CA LYS A 33 -4.90 12.92 -3.27
C LYS A 33 -6.34 12.58 -2.90
N ALA A 34 -7.04 11.85 -3.77
CA ALA A 34 -8.43 11.51 -3.51
C ALA A 34 -8.62 10.28 -2.61
N GLU A 35 -8.24 9.09 -3.08
CA GLU A 35 -8.42 7.88 -2.29
C GLU A 35 -7.28 6.88 -2.39
N PHE A 36 -7.19 6.01 -1.38
CA PHE A 36 -6.19 4.95 -1.31
C PHE A 36 -6.84 3.70 -0.72
N CYS A 37 -6.34 2.52 -1.07
CA CYS A 37 -6.92 1.28 -0.57
C CYS A 37 -6.27 0.84 0.72
N TRP A 38 -7.01 0.92 1.81
CA TRP A 38 -6.51 0.54 3.13
C TRP A 38 -5.14 1.17 3.39
N VAL A 39 -4.55 0.83 4.53
CA VAL A 39 -3.24 1.35 4.88
C VAL A 39 -2.13 0.64 4.11
N CYS A 40 -2.18 -0.69 4.13
CA CYS A 40 -1.18 -1.52 3.45
C CYS A 40 -1.38 -1.52 1.93
N LEU A 41 -2.61 -1.80 1.51
CA LEU A 41 -2.94 -1.83 0.08
C LEU A 41 -2.17 -2.93 -0.70
N GLY A 42 -2.33 -4.19 -0.27
CA GLY A 42 -1.72 -5.32 -0.99
C GLY A 42 -0.19 -5.36 -1.06
N PRO A 43 0.57 -4.84 -0.08
CA PRO A 43 2.04 -4.88 -0.14
C PRO A 43 2.57 -6.31 -0.27
N TRP A 44 3.86 -6.43 -0.59
CA TRP A 44 4.48 -7.74 -0.74
C TRP A 44 5.02 -8.24 0.60
N GLU A 45 5.45 -7.31 1.43
CA GLU A 45 5.99 -7.63 2.76
C GLU A 45 5.11 -8.67 3.48
N PRO A 46 3.79 -8.45 3.54
CA PRO A 46 2.86 -9.36 4.21
C PRO A 46 3.07 -10.81 3.80
N HIS A 47 3.66 -11.03 2.62
CA HIS A 47 3.91 -12.38 2.13
C HIS A 47 4.64 -13.22 3.18
N GLY A 48 5.34 -12.56 4.10
CA GLY A 48 6.06 -13.26 5.14
C GLY A 48 5.16 -13.73 6.27
N SER A 49 3.86 -13.52 6.13
CA SER A 49 2.89 -13.92 7.15
C SER A 49 3.05 -13.07 8.42
N ALA A 50 2.93 -11.75 8.26
CA ALA A 50 3.05 -10.84 9.38
C ALA A 50 4.43 -10.93 10.02
N TRP A 51 5.44 -11.28 9.22
CA TRP A 51 6.80 -11.40 9.73
C TRP A 51 7.37 -10.02 10.06
N TYR A 52 7.22 -9.07 9.15
CA TYR A 52 7.72 -7.72 9.35
C TYR A 52 6.63 -6.79 9.89
N ASN A 53 5.60 -6.59 9.08
CA ASN A 53 4.49 -5.70 9.46
C ASN A 53 3.74 -6.25 10.66
N CYS A 54 3.59 -7.57 10.73
CA CYS A 54 2.87 -8.22 11.83
C CYS A 54 1.38 -7.89 11.77
N ASN A 55 0.87 -7.70 10.55
CA ASN A 55 -0.54 -7.38 10.36
C ASN A 55 -0.86 -7.23 8.87
N ARG A 56 -1.55 -8.22 8.31
CA ARG A 56 -1.91 -8.20 6.90
C ARG A 56 -2.73 -6.96 6.57
N TYR A 57 -3.78 -6.73 7.36
CA TYR A 57 -4.64 -5.58 7.13
C TYR A 57 -5.22 -5.07 8.45
N ASN A 58 -5.55 -3.78 8.50
CA ASN A 58 -6.11 -3.18 9.71
C ASN A 58 -7.61 -3.43 9.79
N GLU A 59 -8.12 -3.52 11.01
CA GLU A 59 -9.54 -3.75 11.23
C GLU A 59 -10.10 -2.77 12.26
N PHE A 60 -11.43 -2.60 12.25
CA PHE A 60 -12.08 -1.70 13.19
C PHE A 60 -12.42 -2.41 14.50
N TRP A 1 -1.26 -19.53 -0.83
CA TRP A 1 -2.09 -18.68 -1.74
C TRP A 1 -1.23 -17.65 -2.45
N ILE A 2 -1.82 -16.97 -3.44
CA ILE A 2 -1.12 -15.95 -4.20
C ILE A 2 -1.67 -14.56 -3.90
N ALA A 3 -1.92 -14.29 -2.62
CA ALA A 3 -2.46 -13.01 -2.20
C ALA A 3 -1.35 -12.11 -1.65
N ALA A 4 -1.65 -10.81 -1.52
CA ALA A 4 -0.68 -9.86 -1.02
C ALA A 4 0.56 -9.81 -1.90
N ASN A 5 0.70 -8.74 -2.67
CA ASN A 5 1.85 -8.59 -3.55
C ASN A 5 2.16 -7.12 -3.81
N THR A 6 3.23 -6.85 -4.53
CA THR A 6 3.63 -5.48 -4.84
C THR A 6 2.92 -4.98 -6.09
N LYS A 7 2.32 -3.80 -5.99
CA LYS A 7 1.62 -3.21 -7.12
C LYS A 7 1.45 -1.70 -6.93
N GLU A 8 1.07 -1.01 -8.00
CA GLU A 8 0.88 0.43 -7.96
C GLU A 8 -0.53 0.77 -7.46
N CYS A 9 -0.71 2.02 -7.04
CA CYS A 9 -2.00 2.48 -6.54
C CYS A 9 -3.08 2.26 -7.61
N PRO A 10 -4.23 1.67 -7.24
CA PRO A 10 -5.32 1.41 -8.20
C PRO A 10 -6.07 2.67 -8.61
N LYS A 11 -6.55 3.42 -7.64
CA LYS A 11 -7.30 4.64 -7.91
C LYS A 11 -6.38 5.78 -8.36
N CYS A 12 -5.11 5.69 -8.00
CA CYS A 12 -4.14 6.72 -8.36
C CYS A 12 -3.33 6.30 -9.59
N HIS A 13 -3.06 5.00 -9.70
CA HIS A 13 -2.32 4.44 -10.84
C HIS A 13 -0.95 5.08 -11.01
N VAL A 14 -0.27 5.38 -9.91
CA VAL A 14 1.07 5.97 -9.98
C VAL A 14 2.09 5.07 -9.29
N THR A 15 2.86 4.34 -10.08
CA THR A 15 3.88 3.44 -9.55
C THR A 15 4.95 4.23 -8.81
N ILE A 16 5.02 4.04 -7.49
CA ILE A 16 6.01 4.73 -6.67
C ILE A 16 7.03 3.75 -6.10
N GLU A 17 8.28 3.90 -6.53
CA GLU A 17 9.36 3.03 -6.05
C GLU A 17 10.00 3.61 -4.78
N LYS A 18 10.54 4.81 -4.90
CA LYS A 18 11.17 5.47 -3.77
C LYS A 18 10.17 6.39 -3.07
N ASP A 19 9.91 6.11 -1.79
CA ASP A 19 8.97 6.91 -1.03
C ASP A 19 9.48 8.34 -0.85
N GLY A 20 9.02 9.23 -1.71
CA GLY A 20 9.43 10.62 -1.64
C GLY A 20 8.25 11.57 -1.70
N GLY A 21 7.99 12.28 -0.60
CA GLY A 21 6.89 13.22 -0.56
C GLY A 21 5.60 12.58 -0.09
N CYS A 22 5.38 11.32 -0.48
CA CYS A 22 4.17 10.59 -0.10
C CYS A 22 4.51 9.48 0.90
N ASN A 23 4.12 9.68 2.15
CA ASN A 23 4.36 8.69 3.20
C ASN A 23 3.64 7.39 2.86
N HIS A 24 4.11 6.26 3.39
CA HIS A 24 3.46 4.99 3.10
C HIS A 24 2.16 4.89 3.88
N MET A 25 1.10 5.36 3.24
CA MET A 25 -0.24 5.37 3.79
C MET A 25 -1.20 5.83 2.70
N VAL A 26 -2.37 6.34 3.08
CA VAL A 26 -3.30 6.85 2.07
C VAL A 26 -2.70 8.09 1.44
N CYS A 27 -1.99 7.89 0.33
CA CYS A 27 -1.32 9.00 -0.35
C CYS A 27 -2.32 9.94 -0.97
N ARG A 28 -2.19 11.21 -0.64
CA ARG A 28 -3.07 12.24 -1.17
C ARG A 28 -2.26 13.34 -1.86
N ASN A 29 -1.12 13.00 -2.46
CA ASN A 29 -0.30 14.00 -3.11
C ASN A 29 -0.94 14.56 -4.39
N GLN A 30 -0.72 13.89 -5.53
CA GLN A 30 -1.27 14.37 -6.80
C GLN A 30 -2.40 13.48 -7.30
N ASN A 31 -2.04 12.39 -7.96
CA ASN A 31 -3.04 11.47 -8.50
C ASN A 31 -3.78 10.78 -7.37
N CYS A 32 -3.02 10.47 -6.33
CA CYS A 32 -3.57 9.81 -5.15
C CYS A 32 -4.28 10.81 -4.23
N LYS A 33 -4.22 12.10 -4.59
CA LYS A 33 -4.85 13.15 -3.79
C LYS A 33 -6.31 12.84 -3.46
N ALA A 34 -6.99 12.11 -4.35
CA ALA A 34 -8.40 11.80 -4.14
C ALA A 34 -8.63 10.61 -3.20
N GLU A 35 -8.25 9.41 -3.64
CA GLU A 35 -8.48 8.21 -2.82
C GLU A 35 -7.32 7.22 -2.85
N PHE A 36 -7.25 6.39 -1.81
CA PHE A 36 -6.24 5.34 -1.70
C PHE A 36 -6.86 4.09 -1.06
N CYS A 37 -6.23 2.93 -1.23
CA CYS A 37 -6.78 1.70 -0.68
C CYS A 37 -6.10 1.33 0.64
N TRP A 38 -6.83 1.46 1.75
CA TRP A 38 -6.30 1.15 3.07
C TRP A 38 -4.89 1.71 3.26
N VAL A 39 -4.26 1.37 4.38
CA VAL A 39 -2.91 1.84 4.64
C VAL A 39 -1.88 1.11 3.79
N CYS A 40 -1.93 -0.23 3.83
CA CYS A 40 -1.01 -1.06 3.06
C CYS A 40 -1.41 -1.14 1.58
N LEU A 41 -2.70 -1.37 1.35
CA LEU A 41 -3.27 -1.48 0.00
C LEU A 41 -2.85 -2.79 -0.74
N GLY A 42 -2.68 -3.88 0.01
CA GLY A 42 -2.37 -5.17 -0.62
C GLY A 42 -0.90 -5.44 -0.95
N PRO A 43 0.08 -4.83 -0.25
CA PRO A 43 1.50 -5.07 -0.54
C PRO A 43 1.87 -6.54 -0.48
N TRP A 44 3.12 -6.85 -0.81
CA TRP A 44 3.62 -8.22 -0.79
C TRP A 44 4.09 -8.60 0.59
N GLU A 45 4.74 -7.66 1.28
CA GLU A 45 5.25 -7.86 2.62
C GLU A 45 4.28 -8.65 3.50
N PRO A 46 3.01 -8.21 3.56
CA PRO A 46 1.98 -8.89 4.36
C PRO A 46 1.91 -10.38 4.07
N HIS A 47 2.33 -10.77 2.87
CA HIS A 47 2.32 -12.18 2.48
C HIS A 47 3.14 -13.03 3.45
N GLY A 48 4.05 -12.39 4.19
CA GLY A 48 4.88 -13.10 5.13
C GLY A 48 4.15 -13.41 6.43
N SER A 49 2.87 -13.08 6.50
CA SER A 49 2.07 -13.32 7.69
C SER A 49 2.50 -12.42 8.84
N ALA A 50 2.55 -11.12 8.58
CA ALA A 50 2.94 -10.14 9.60
C ALA A 50 4.37 -10.37 10.10
N TRP A 51 5.20 -10.98 9.27
CA TRP A 51 6.58 -11.27 9.63
C TRP A 51 7.43 -10.00 9.67
N TYR A 52 7.34 -9.19 8.61
CA TYR A 52 8.13 -7.97 8.52
C TYR A 52 7.36 -6.73 8.98
N ASN A 53 6.31 -6.38 8.24
CA ASN A 53 5.51 -5.21 8.56
C ASN A 53 4.39 -5.52 9.54
N CYS A 54 4.29 -6.77 9.97
CA CYS A 54 3.24 -7.16 10.91
C CYS A 54 1.86 -6.94 10.30
N ASN A 55 0.82 -7.28 11.05
CA ASN A 55 -0.55 -7.10 10.58
C ASN A 55 -0.72 -7.64 9.17
N ARG A 56 -1.89 -7.41 8.57
CA ARG A 56 -2.17 -7.87 7.22
C ARG A 56 -2.93 -6.83 6.42
N TYR A 57 -4.12 -6.47 6.90
CA TYR A 57 -4.94 -5.46 6.24
C TYR A 57 -5.33 -4.34 7.20
N ASN A 58 -5.80 -4.73 8.38
CA ASN A 58 -6.21 -3.76 9.39
C ASN A 58 -6.65 -4.46 10.67
N GLU A 59 -6.79 -3.69 11.75
CA GLU A 59 -7.21 -4.24 13.03
C GLU A 59 -7.99 -3.21 13.84
N PHE A 60 -9.29 -3.40 13.93
CA PHE A 60 -10.14 -2.49 14.68
C PHE A 60 -10.60 -3.12 15.99
N TRP A 1 -5.89 -16.78 -5.86
CA TRP A 1 -5.38 -17.57 -4.71
C TRP A 1 -4.29 -16.82 -3.96
N ILE A 2 -3.16 -16.61 -4.61
CA ILE A 2 -2.04 -15.89 -4.00
C ILE A 2 -2.35 -14.41 -3.86
N ALA A 3 -2.14 -13.88 -2.67
CA ALA A 3 -2.40 -12.46 -2.40
C ALA A 3 -1.10 -11.73 -2.02
N ALA A 4 -1.21 -10.42 -1.84
CA ALA A 4 -0.06 -9.61 -1.48
C ALA A 4 1.01 -9.64 -2.57
N ASN A 5 1.44 -8.46 -3.00
CA ASN A 5 2.46 -8.35 -4.04
C ASN A 5 2.83 -6.90 -4.29
N THR A 6 3.72 -6.68 -5.25
CA THR A 6 4.17 -5.33 -5.59
C THR A 6 3.47 -4.82 -6.84
N LYS A 7 2.86 -3.64 -6.73
CA LYS A 7 2.15 -3.04 -7.86
C LYS A 7 1.86 -1.57 -7.59
N GLU A 8 1.38 -0.86 -8.60
CA GLU A 8 1.08 0.55 -8.47
C GLU A 8 -0.34 0.75 -7.93
N CYS A 9 -0.60 1.96 -7.42
CA CYS A 9 -1.91 2.28 -6.88
C CYS A 9 -3.01 2.06 -7.92
N PRO A 10 -4.10 1.34 -7.56
CA PRO A 10 -5.19 1.08 -8.50
C PRO A 10 -6.05 2.32 -8.77
N LYS A 11 -6.53 2.95 -7.71
CA LYS A 11 -7.38 4.13 -7.84
C LYS A 11 -6.56 5.37 -8.20
N CYS A 12 -5.24 5.29 -8.06
CA CYS A 12 -4.38 6.42 -8.39
C CYS A 12 -3.55 6.13 -9.65
N HIS A 13 -3.25 4.86 -9.88
CA HIS A 13 -2.49 4.43 -11.06
C HIS A 13 -1.15 5.13 -11.19
N VAL A 14 -0.47 5.36 -10.08
CA VAL A 14 0.84 6.01 -10.10
C VAL A 14 1.90 5.10 -9.50
N THR A 15 2.82 4.65 -10.34
CA THR A 15 3.90 3.77 -9.89
C THR A 15 5.03 4.59 -9.27
N ILE A 16 5.35 4.31 -8.01
CA ILE A 16 6.41 5.03 -7.32
C ILE A 16 7.45 4.07 -6.73
N GLU A 17 8.69 4.22 -7.15
CA GLU A 17 9.78 3.39 -6.66
C GLU A 17 10.42 4.00 -5.43
N LYS A 18 10.96 5.21 -5.58
CA LYS A 18 11.59 5.91 -4.48
C LYS A 18 10.56 6.69 -3.68
N ASP A 19 10.41 6.32 -2.40
CA ASP A 19 9.44 6.97 -1.53
C ASP A 19 9.80 8.43 -1.31
N GLY A 20 9.20 9.33 -2.09
CA GLY A 20 9.46 10.74 -1.94
C GLY A 20 8.19 11.55 -1.87
N GLY A 21 7.93 12.15 -0.70
CA GLY A 21 6.73 12.95 -0.53
C GLY A 21 5.49 12.11 -0.28
N CYS A 22 5.61 10.79 -0.48
CA CYS A 22 4.49 9.88 -0.27
C CYS A 22 4.82 8.86 0.82
N ASN A 23 4.18 9.00 1.97
CA ASN A 23 4.39 8.08 3.09
C ASN A 23 3.56 6.83 2.89
N HIS A 24 3.98 5.71 3.50
CA HIS A 24 3.23 4.48 3.34
C HIS A 24 1.97 4.52 4.18
N MET A 25 0.91 5.02 3.54
CA MET A 25 -0.41 5.16 4.15
C MET A 25 -1.39 5.57 3.07
N VAL A 26 -2.51 6.19 3.45
CA VAL A 26 -3.46 6.65 2.44
C VAL A 26 -2.82 7.79 1.65
N CYS A 27 -2.15 7.43 0.56
CA CYS A 27 -1.47 8.44 -0.26
C CYS A 27 -2.46 9.43 -0.85
N ARG A 28 -2.35 10.66 -0.41
CA ARG A 28 -3.22 11.71 -0.89
C ARG A 28 -2.40 12.85 -1.53
N ASN A 29 -1.26 12.51 -2.16
CA ASN A 29 -0.43 13.54 -2.75
C ASN A 29 -1.04 14.21 -3.99
N GLN A 30 -0.81 13.64 -5.18
CA GLN A 30 -1.32 14.24 -6.41
C GLN A 30 -2.51 13.48 -6.98
N ASN A 31 -2.25 12.37 -7.64
CA ASN A 31 -3.31 11.57 -8.23
C ASN A 31 -4.02 10.78 -7.15
N CYS A 32 -3.24 10.29 -6.22
CA CYS A 32 -3.76 9.53 -5.09
C CYS A 32 -4.47 10.44 -4.10
N LYS A 33 -4.40 11.75 -4.33
CA LYS A 33 -5.02 12.73 -3.45
C LYS A 33 -6.47 12.36 -3.12
N ALA A 34 -7.13 11.64 -4.03
CA ALA A 34 -8.51 11.27 -3.82
C ALA A 34 -8.72 10.03 -2.96
N GLU A 35 -8.32 8.85 -3.47
CA GLU A 35 -8.52 7.61 -2.71
C GLU A 35 -7.37 6.60 -2.82
N PHE A 36 -7.29 5.73 -1.83
CA PHE A 36 -6.30 4.65 -1.78
C PHE A 36 -6.94 3.41 -1.17
N CYS A 37 -6.28 2.26 -1.27
CA CYS A 37 -6.84 1.03 -0.71
C CYS A 37 -6.14 0.66 0.59
N TRP A 38 -6.85 0.80 1.70
CA TRP A 38 -6.31 0.50 3.02
C TRP A 38 -4.95 1.16 3.21
N VAL A 39 -4.32 0.90 4.36
CA VAL A 39 -3.01 1.48 4.64
C VAL A 39 -1.91 0.75 3.89
N CYS A 40 -1.93 -0.57 3.95
CA CYS A 40 -0.92 -1.40 3.28
C CYS A 40 -1.15 -1.48 1.77
N LEU A 41 -2.40 -1.78 1.39
CA LEU A 41 -2.76 -1.91 -0.02
C LEU A 41 -2.10 -3.13 -0.70
N GLY A 42 -2.24 -4.32 -0.08
CA GLY A 42 -1.73 -5.54 -0.67
C GLY A 42 -0.20 -5.64 -0.87
N PRO A 43 0.64 -5.02 -0.04
CA PRO A 43 2.10 -5.11 -0.20
C PRO A 43 2.61 -6.55 -0.19
N TRP A 44 3.88 -6.73 -0.52
CA TRP A 44 4.48 -8.06 -0.54
C TRP A 44 4.98 -8.46 0.84
N GLU A 45 5.50 -7.48 1.57
CA GLU A 45 6.01 -7.69 2.93
C GLU A 45 5.08 -8.61 3.74
N PRO A 46 3.78 -8.29 3.80
CA PRO A 46 2.80 -9.09 4.53
C PRO A 46 2.86 -10.57 4.15
N HIS A 47 3.37 -10.85 2.96
CA HIS A 47 3.48 -12.23 2.48
C HIS A 47 4.23 -13.10 3.48
N GLY A 48 5.03 -12.46 4.34
CA GLY A 48 5.79 -13.19 5.34
C GLY A 48 4.95 -13.60 6.54
N SER A 49 3.64 -13.36 6.46
CA SER A 49 2.73 -13.71 7.55
C SER A 49 2.98 -12.84 8.78
N ALA A 50 2.87 -11.53 8.58
CA ALA A 50 3.07 -10.57 9.67
C ALA A 50 4.50 -10.64 10.21
N TRP A 51 5.41 -11.19 9.42
CA TRP A 51 6.81 -11.32 9.82
C TRP A 51 7.50 -9.96 9.87
N TYR A 52 7.34 -9.18 8.80
CA TYR A 52 7.97 -7.86 8.73
C TYR A 52 7.01 -6.74 9.14
N ASN A 53 5.94 -6.57 8.37
CA ASN A 53 4.96 -5.53 8.63
C ASN A 53 4.10 -5.86 9.85
N CYS A 54 3.38 -6.97 9.78
CA CYS A 54 2.50 -7.39 10.88
C CYS A 54 1.26 -6.52 10.94
N ASN A 55 0.09 -7.15 10.92
CA ASN A 55 -1.18 -6.44 10.97
C ASN A 55 -1.40 -5.63 9.68
N ARG A 56 -1.94 -6.28 8.67
CA ARG A 56 -2.21 -5.63 7.39
C ARG A 56 -3.18 -4.46 7.56
N TYR A 57 -4.46 -4.79 7.71
CA TYR A 57 -5.50 -3.77 7.87
C TYR A 57 -5.69 -3.44 9.35
N ASN A 58 -6.13 -2.22 9.62
CA ASN A 58 -6.37 -1.76 10.99
C ASN A 58 -7.48 -2.59 11.64
N GLU A 59 -7.32 -2.86 12.93
CA GLU A 59 -8.31 -3.63 13.68
C GLU A 59 -8.76 -2.87 14.92
N PHE A 60 -10.05 -2.99 15.25
CA PHE A 60 -10.60 -2.32 16.41
C PHE A 60 -11.76 -3.13 17.01
N TRP A 1 -6.93 -16.87 -0.73
CA TRP A 1 -5.95 -17.48 0.21
C TRP A 1 -4.81 -16.52 0.54
N ILE A 2 -4.30 -15.86 -0.48
CA ILE A 2 -3.21 -14.91 -0.30
C ILE A 2 -3.20 -13.86 -1.42
N ALA A 3 -2.87 -12.63 -1.06
CA ALA A 3 -2.82 -11.54 -2.03
C ALA A 3 -1.96 -10.39 -1.53
N ALA A 4 -0.76 -10.27 -2.07
CA ALA A 4 0.17 -9.22 -1.67
C ALA A 4 1.41 -9.21 -2.55
N ASN A 5 1.68 -8.06 -3.17
CA ASN A 5 2.85 -7.93 -4.04
C ASN A 5 3.14 -6.46 -4.33
N THR A 6 4.15 -6.22 -5.15
CA THR A 6 4.54 -4.85 -5.50
C THR A 6 3.74 -4.36 -6.71
N LYS A 7 3.06 -3.24 -6.53
CA LYS A 7 2.26 -2.66 -7.61
C LYS A 7 2.05 -1.16 -7.40
N GLU A 8 1.57 -0.48 -8.45
CA GLU A 8 1.33 0.95 -8.37
C GLU A 8 -0.09 1.24 -7.92
N CYS A 9 -0.35 2.47 -7.49
CA CYS A 9 -1.67 2.85 -7.01
C CYS A 9 -2.71 2.66 -8.12
N PRO A 10 -3.75 1.83 -7.86
CA PRO A 10 -4.79 1.55 -8.85
C PRO A 10 -5.82 2.68 -8.94
N LYS A 11 -6.28 3.17 -7.79
CA LYS A 11 -7.26 4.24 -7.74
C LYS A 11 -6.65 5.57 -8.16
N CYS A 12 -5.35 5.71 -7.96
CA CYS A 12 -4.64 6.95 -8.33
C CYS A 12 -3.98 6.80 -9.70
N HIS A 13 -3.55 5.58 -10.01
CA HIS A 13 -2.91 5.29 -11.30
C HIS A 13 -1.55 5.98 -11.44
N VAL A 14 -0.78 6.02 -10.36
CA VAL A 14 0.55 6.62 -10.39
C VAL A 14 1.62 5.61 -10.03
N THR A 15 2.60 5.45 -10.92
CA THR A 15 3.70 4.52 -10.69
C THR A 15 4.75 5.12 -9.78
N ILE A 16 4.78 4.68 -8.53
CA ILE A 16 5.75 5.17 -7.55
C ILE A 16 6.57 4.04 -6.96
N GLU A 17 7.87 4.04 -7.25
CA GLU A 17 8.77 3.00 -6.74
C GLU A 17 9.37 3.42 -5.40
N LYS A 18 10.09 4.53 -5.40
CA LYS A 18 10.72 5.04 -4.19
C LYS A 18 9.77 5.98 -3.46
N ASP A 19 9.67 5.82 -2.14
CA ASP A 19 8.80 6.66 -1.33
C ASP A 19 9.29 8.10 -1.30
N GLY A 20 8.74 8.92 -2.17
CA GLY A 20 9.13 10.32 -2.23
C GLY A 20 7.93 11.25 -2.25
N GLY A 21 7.76 12.02 -1.18
CA GLY A 21 6.64 12.94 -1.10
C GLY A 21 5.39 12.29 -0.53
N CYS A 22 5.18 11.03 -0.87
CA CYS A 22 4.01 10.29 -0.38
C CYS A 22 4.44 9.07 0.44
N ASN A 23 4.25 9.16 1.76
CA ASN A 23 4.60 8.06 2.66
C ASN A 23 3.80 6.81 2.29
N HIS A 24 4.29 5.62 2.65
CA HIS A 24 3.57 4.40 2.32
C HIS A 24 2.35 4.27 3.23
N MET A 25 1.26 4.83 2.74
CA MET A 25 -0.02 4.82 3.43
C MET A 25 -1.07 5.40 2.47
N VAL A 26 -2.18 5.91 2.99
CA VAL A 26 -3.18 6.52 2.12
C VAL A 26 -2.59 7.78 1.50
N CYS A 27 -1.99 7.62 0.32
CA CYS A 27 -1.38 8.77 -0.35
C CYS A 27 -2.42 9.73 -0.86
N ARG A 28 -2.34 10.96 -0.39
CA ARG A 28 -3.28 11.98 -0.77
C ARG A 28 -2.54 13.19 -1.38
N ASN A 29 -1.41 12.96 -2.05
CA ASN A 29 -0.65 14.06 -2.61
C ASN A 29 -1.30 14.68 -3.86
N GLN A 30 -1.01 14.16 -5.05
CA GLN A 30 -1.56 14.72 -6.28
C GLN A 30 -2.69 13.87 -6.85
N ASN A 31 -2.34 12.83 -7.57
CA ASN A 31 -3.33 11.95 -8.18
C ASN A 31 -4.03 11.14 -7.11
N CYS A 32 -3.25 10.73 -6.13
CA CYS A 32 -3.75 9.92 -5.02
C CYS A 32 -4.49 10.80 -4.00
N LYS A 33 -4.48 12.11 -4.22
CA LYS A 33 -5.14 13.04 -3.31
C LYS A 33 -6.60 12.65 -3.03
N ALA A 34 -7.20 11.89 -3.94
CA ALA A 34 -8.60 11.49 -3.76
C ALA A 34 -8.79 10.24 -2.88
N GLU A 35 -8.34 9.08 -3.37
CA GLU A 35 -8.52 7.84 -2.62
C GLU A 35 -7.33 6.88 -2.70
N PHE A 36 -7.26 5.99 -1.71
CA PHE A 36 -6.22 4.96 -1.65
C PHE A 36 -6.86 3.67 -1.11
N CYS A 37 -6.29 2.52 -1.46
CA CYS A 37 -6.86 1.24 -1.01
C CYS A 37 -6.24 0.82 0.32
N TRP A 38 -7.05 0.86 1.38
CA TRP A 38 -6.58 0.49 2.71
C TRP A 38 -5.28 1.20 3.05
N VAL A 39 -4.71 0.88 4.20
CA VAL A 39 -3.46 1.49 4.61
C VAL A 39 -2.27 0.84 3.89
N CYS A 40 -2.23 -0.48 3.90
CA CYS A 40 -1.15 -1.24 3.28
C CYS A 40 -1.29 -1.28 1.75
N LEU A 41 -2.48 -1.64 1.26
CA LEU A 41 -2.75 -1.72 -0.17
C LEU A 41 -1.90 -2.80 -0.89
N GLY A 42 -1.99 -4.05 -0.41
CA GLY A 42 -1.29 -5.17 -1.06
C GLY A 42 0.24 -5.16 -1.04
N PRO A 43 0.93 -4.56 -0.06
CA PRO A 43 2.39 -4.55 -0.03
C PRO A 43 2.98 -5.96 0.01
N TRP A 44 4.31 -6.04 -0.09
CA TRP A 44 4.99 -7.33 -0.06
C TRP A 44 5.28 -7.76 1.38
N GLU A 45 5.65 -6.80 2.21
CA GLU A 45 5.95 -7.04 3.61
C GLU A 45 4.94 -7.99 4.26
N PRO A 46 3.64 -7.65 4.23
CA PRO A 46 2.58 -8.48 4.82
C PRO A 46 2.51 -9.86 4.18
N HIS A 47 2.99 -9.97 2.95
CA HIS A 47 2.97 -11.24 2.23
C HIS A 47 3.72 -12.32 3.02
N GLY A 48 4.60 -11.89 3.92
CA GLY A 48 5.36 -12.84 4.72
C GLY A 48 4.54 -13.47 5.83
N SER A 49 3.29 -13.03 5.98
CA SER A 49 2.41 -13.58 7.02
C SER A 49 2.92 -13.20 8.40
N ALA A 50 3.02 -11.89 8.65
CA ALA A 50 3.49 -11.39 9.94
C ALA A 50 4.95 -11.76 10.19
N TRP A 51 5.67 -12.07 9.12
CA TRP A 51 7.08 -12.45 9.23
C TRP A 51 7.95 -11.26 9.61
N TYR A 52 7.55 -10.06 9.18
CA TYR A 52 8.32 -8.86 9.47
C TYR A 52 7.82 -8.15 10.73
N ASN A 53 6.60 -7.60 10.67
CA ASN A 53 6.04 -6.89 11.81
C ASN A 53 4.94 -7.71 12.48
N CYS A 54 3.85 -7.95 11.75
CA CYS A 54 2.72 -8.71 12.27
C CYS A 54 1.47 -8.49 11.40
N ASN A 55 0.43 -9.29 11.64
CA ASN A 55 -0.81 -9.18 10.90
C ASN A 55 -0.56 -9.06 9.40
N ARG A 56 -1.60 -8.73 8.65
CA ARG A 56 -1.49 -8.57 7.21
C ARG A 56 -2.00 -7.20 6.76
N TYR A 57 -3.13 -6.78 7.32
CA TYR A 57 -3.72 -5.49 7.00
C TYR A 57 -4.26 -4.81 8.25
N ASN A 58 -4.66 -3.55 8.10
CA ASN A 58 -5.20 -2.78 9.23
C ASN A 58 -6.60 -3.26 9.58
N GLU A 59 -6.79 -3.62 10.85
CA GLU A 59 -8.09 -4.09 11.32
C GLU A 59 -8.92 -2.94 11.87
N PHE A 60 -10.24 -3.11 11.89
CA PHE A 60 -11.15 -2.08 12.39
C PHE A 60 -11.93 -2.59 13.60
N TRP A 1 -4.38 -18.07 -3.38
CA TRP A 1 -3.43 -17.41 -2.44
C TRP A 1 -2.69 -16.26 -3.10
N ILE A 2 -3.45 -15.42 -3.81
CA ILE A 2 -2.88 -14.26 -4.50
C ILE A 2 -3.56 -12.97 -4.07
N ALA A 3 -3.12 -12.42 -2.95
CA ALA A 3 -3.69 -11.19 -2.42
C ALA A 3 -2.60 -10.16 -2.12
N ALA A 4 -1.55 -10.60 -1.44
CA ALA A 4 -0.44 -9.72 -1.09
C ALA A 4 0.64 -9.74 -2.16
N ASN A 5 0.84 -8.59 -2.81
CA ASN A 5 1.84 -8.49 -3.86
C ASN A 5 2.15 -7.02 -4.18
N THR A 6 3.14 -6.80 -5.02
CA THR A 6 3.53 -5.44 -5.41
C THR A 6 2.80 -5.00 -6.67
N LYS A 7 2.26 -3.79 -6.64
CA LYS A 7 1.53 -3.25 -7.79
C LYS A 7 1.33 -1.75 -7.65
N GLU A 8 0.88 -1.12 -8.73
CA GLU A 8 0.64 0.32 -8.74
C GLU A 8 -0.77 0.64 -8.24
N CYS A 9 -0.95 1.85 -7.71
CA CYS A 9 -2.24 2.28 -7.20
C CYS A 9 -3.31 2.17 -8.30
N PRO A 10 -4.49 1.62 -7.99
CA PRO A 10 -5.56 1.46 -8.97
C PRO A 10 -6.35 2.75 -9.20
N LYS A 11 -6.81 3.37 -8.11
CA LYS A 11 -7.58 4.60 -8.22
C LYS A 11 -6.68 5.80 -8.52
N CYS A 12 -5.37 5.62 -8.37
CA CYS A 12 -4.43 6.70 -8.63
C CYS A 12 -3.61 6.42 -9.89
N HIS A 13 -3.36 5.13 -10.16
CA HIS A 13 -2.60 4.73 -11.34
C HIS A 13 -1.22 5.37 -11.39
N VAL A 14 -0.55 5.40 -10.24
CA VAL A 14 0.79 5.98 -10.15
C VAL A 14 1.81 4.94 -9.72
N THR A 15 3.04 5.08 -10.22
CA THR A 15 4.11 4.15 -9.89
C THR A 15 5.22 4.85 -9.12
N ILE A 16 5.32 4.54 -7.83
CA ILE A 16 6.35 5.14 -6.98
C ILE A 16 7.35 4.09 -6.50
N GLU A 17 8.60 4.26 -6.91
CA GLU A 17 9.65 3.32 -6.52
C GLU A 17 10.21 3.68 -5.14
N LYS A 18 10.76 4.89 -5.04
CA LYS A 18 11.32 5.37 -3.77
C LYS A 18 10.28 6.14 -2.98
N ASP A 19 10.20 5.88 -1.69
CA ASP A 19 9.25 6.56 -0.82
C ASP A 19 9.71 7.96 -0.47
N GLY A 20 9.24 8.94 -1.21
CA GLY A 20 9.61 10.32 -0.96
C GLY A 20 8.41 11.25 -0.92
N GLY A 21 8.12 11.78 0.26
CA GLY A 21 6.97 12.67 0.40
C GLY A 21 5.68 11.93 0.68
N CYS A 22 5.53 10.75 0.08
CA CYS A 22 4.34 9.93 0.27
C CYS A 22 4.57 8.89 1.38
N ASN A 23 3.93 9.10 2.51
CA ASN A 23 4.04 8.18 3.64
C ASN A 23 3.23 6.91 3.37
N HIS A 24 3.59 5.81 4.02
CA HIS A 24 2.86 4.56 3.81
C HIS A 24 1.52 4.62 4.53
N MET A 25 0.53 5.09 3.79
CA MET A 25 -0.83 5.23 4.29
C MET A 25 -1.74 5.60 3.12
N VAL A 26 -2.88 6.23 3.37
CA VAL A 26 -3.74 6.64 2.28
C VAL A 26 -3.05 7.74 1.49
N CYS A 27 -2.32 7.33 0.45
CA CYS A 27 -1.57 8.29 -0.36
C CYS A 27 -2.49 9.33 -0.96
N ARG A 28 -2.24 10.58 -0.58
CA ARG A 28 -3.03 11.69 -1.07
C ARG A 28 -2.13 12.77 -1.69
N ASN A 29 -1.00 12.37 -2.29
CA ASN A 29 -0.09 13.34 -2.87
C ASN A 29 -0.67 13.99 -4.13
N GLN A 30 -0.46 13.37 -5.30
CA GLN A 30 -0.96 13.95 -6.55
C GLN A 30 -2.06 13.10 -7.17
N ASN A 31 -1.67 12.03 -7.85
CA ASN A 31 -2.64 11.15 -8.50
C ASN A 31 -3.51 10.47 -7.46
N CYS A 32 -2.89 10.15 -6.34
CA CYS A 32 -3.57 9.49 -5.23
C CYS A 32 -4.24 10.51 -4.30
N LYS A 33 -4.07 11.79 -4.60
CA LYS A 33 -4.65 12.85 -3.77
C LYS A 33 -6.13 12.60 -3.49
N ALA A 34 -6.81 11.88 -4.40
CA ALA A 34 -8.24 11.63 -4.22
C ALA A 34 -8.54 10.42 -3.32
N GLU A 35 -8.23 9.21 -3.79
CA GLU A 35 -8.53 8.00 -3.00
C GLU A 35 -7.46 6.91 -3.11
N PHE A 36 -7.43 6.04 -2.11
CA PHE A 36 -6.53 4.88 -2.08
C PHE A 36 -7.26 3.69 -1.45
N CYS A 37 -6.72 2.48 -1.63
CA CYS A 37 -7.36 1.31 -1.05
C CYS A 37 -6.68 0.90 0.24
N TRP A 38 -7.37 1.08 1.36
CA TRP A 38 -6.83 0.75 2.67
C TRP A 38 -5.46 1.39 2.86
N VAL A 39 -4.82 1.11 3.98
CA VAL A 39 -3.49 1.65 4.25
C VAL A 39 -2.42 0.89 3.47
N CYS A 40 -2.46 -0.43 3.56
CA CYS A 40 -1.48 -1.28 2.89
C CYS A 40 -1.74 -1.40 1.39
N LEU A 41 -2.99 -1.69 1.03
CA LEU A 41 -3.39 -1.85 -0.37
C LEU A 41 -2.78 -3.12 -1.02
N GLY A 42 -2.86 -4.26 -0.30
CA GLY A 42 -2.37 -5.52 -0.86
C GLY A 42 -0.87 -5.68 -1.07
N PRO A 43 0.01 -5.03 -0.28
CA PRO A 43 1.47 -5.16 -0.46
C PRO A 43 1.93 -6.61 -0.34
N TRP A 44 3.20 -6.84 -0.66
CA TRP A 44 3.77 -8.19 -0.59
C TRP A 44 4.34 -8.47 0.79
N GLU A 45 4.90 -7.43 1.42
CA GLU A 45 5.48 -7.56 2.75
C GLU A 45 4.58 -8.36 3.69
N PRO A 46 3.29 -8.00 3.77
CA PRO A 46 2.33 -8.71 4.63
C PRO A 46 2.27 -10.21 4.33
N HIS A 47 2.66 -10.56 3.11
CA HIS A 47 2.65 -11.97 2.69
C HIS A 47 3.55 -12.81 3.60
N GLY A 48 4.46 -12.16 4.30
CA GLY A 48 5.36 -12.87 5.20
C GLY A 48 4.70 -13.27 6.51
N SER A 49 3.42 -12.93 6.66
CA SER A 49 2.68 -13.26 7.88
C SER A 49 3.20 -12.49 9.07
N ALA A 50 3.20 -11.17 8.97
CA ALA A 50 3.69 -10.31 10.05
C ALA A 50 5.15 -10.58 10.38
N TRP A 51 5.90 -11.07 9.40
CA TRP A 51 7.31 -11.37 9.59
C TRP A 51 8.13 -10.09 9.75
N TYR A 52 7.92 -9.14 8.83
CA TYR A 52 8.66 -7.88 8.86
C TYR A 52 7.85 -6.77 9.53
N ASN A 53 6.73 -6.42 8.93
CA ASN A 53 5.87 -5.35 9.46
C ASN A 53 5.18 -5.78 10.76
N CYS A 54 4.95 -7.08 10.90
CA CYS A 54 4.29 -7.61 12.10
C CYS A 54 2.83 -7.15 12.15
N ASN A 55 2.22 -7.00 10.98
CA ASN A 55 0.83 -6.56 10.89
C ASN A 55 0.37 -6.50 9.44
N ARG A 56 -0.52 -7.42 9.07
CA ARG A 56 -1.03 -7.48 7.71
C ARG A 56 -1.81 -6.21 7.37
N TYR A 57 -2.98 -6.05 7.99
CA TYR A 57 -3.83 -4.89 7.75
C TYR A 57 -4.24 -4.24 9.06
N ASN A 58 -5.01 -3.16 8.95
CA ASN A 58 -5.47 -2.44 10.13
C ASN A 58 -6.68 -3.13 10.76
N GLU A 59 -6.55 -3.53 12.02
CA GLU A 59 -7.62 -4.20 12.73
C GLU A 59 -8.58 -3.19 13.35
N PHE A 60 -9.86 -3.58 13.45
CA PHE A 60 -10.88 -2.71 14.02
C PHE A 60 -11.71 -3.45 15.06
N TRP A 1 -4.44 -17.93 -3.03
CA TRP A 1 -4.95 -16.67 -2.41
C TRP A 1 -4.25 -15.45 -2.99
N ILE A 2 -5.04 -14.48 -3.45
CA ILE A 2 -4.50 -13.26 -4.03
C ILE A 2 -4.76 -12.06 -3.12
N ALA A 3 -3.69 -11.38 -2.72
CA ALA A 3 -3.80 -10.21 -1.85
C ALA A 3 -2.47 -9.48 -1.74
N ALA A 4 -1.48 -10.15 -1.16
CA ALA A 4 -0.16 -9.57 -0.99
C ALA A 4 0.65 -9.65 -2.27
N ASN A 5 1.18 -8.52 -2.71
CA ASN A 5 1.98 -8.47 -3.94
C ASN A 5 2.54 -7.07 -4.18
N THR A 6 3.33 -6.94 -5.23
CA THR A 6 3.93 -5.64 -5.57
C THR A 6 3.27 -5.04 -6.80
N LYS A 7 2.84 -3.79 -6.67
CA LYS A 7 2.19 -3.09 -7.78
C LYS A 7 2.09 -1.59 -7.50
N GLU A 8 1.48 -0.87 -8.42
CA GLU A 8 1.31 0.58 -8.29
C GLU A 8 -0.12 0.91 -7.88
N CYS A 9 -0.34 2.12 -7.38
CA CYS A 9 -1.67 2.53 -6.96
C CYS A 9 -2.67 2.39 -8.11
N PRO A 10 -3.78 1.65 -7.90
CA PRO A 10 -4.78 1.45 -8.95
C PRO A 10 -5.68 2.66 -9.14
N LYS A 11 -6.14 3.24 -8.04
CA LYS A 11 -7.02 4.41 -8.09
C LYS A 11 -6.23 5.67 -8.44
N CYS A 12 -4.92 5.65 -8.17
CA CYS A 12 -4.07 6.80 -8.46
C CYS A 12 -3.27 6.57 -9.74
N HIS A 13 -2.84 5.33 -9.95
CA HIS A 13 -2.08 4.96 -11.15
C HIS A 13 -0.72 5.63 -11.20
N VAL A 14 -0.07 5.77 -10.04
CA VAL A 14 1.25 6.38 -9.98
C VAL A 14 2.27 5.41 -9.39
N THR A 15 3.26 5.04 -10.19
CA THR A 15 4.29 4.10 -9.75
C THR A 15 5.23 4.76 -8.74
N ILE A 16 5.47 4.07 -7.63
CA ILE A 16 6.36 4.57 -6.58
C ILE A 16 7.41 3.52 -6.22
N GLU A 17 8.67 3.84 -6.49
CA GLU A 17 9.77 2.94 -6.18
C GLU A 17 10.13 3.03 -4.70
N LYS A 18 10.52 4.22 -4.27
CA LYS A 18 10.89 4.45 -2.89
C LYS A 18 9.87 5.36 -2.22
N ASP A 19 9.65 5.16 -0.93
CA ASP A 19 8.68 5.97 -0.19
C ASP A 19 9.12 7.43 -0.15
N GLY A 20 8.62 8.22 -1.08
CA GLY A 20 8.97 9.62 -1.13
C GLY A 20 7.75 10.51 -1.32
N GLY A 21 7.43 11.30 -0.29
CA GLY A 21 6.29 12.19 -0.37
C GLY A 21 5.00 11.51 0.08
N CYS A 22 4.86 10.23 -0.23
CA CYS A 22 3.66 9.48 0.16
C CYS A 22 3.98 8.39 1.18
N ASN A 23 3.58 8.63 2.42
CA ASN A 23 3.80 7.67 3.50
C ASN A 23 2.94 6.43 3.28
N HIS A 24 3.32 5.30 3.88
CA HIS A 24 2.55 4.09 3.71
C HIS A 24 1.26 4.18 4.53
N MET A 25 0.22 4.67 3.86
CA MET A 25 -1.09 4.85 4.46
C MET A 25 -2.08 5.20 3.35
N VAL A 26 -3.18 5.88 3.68
CA VAL A 26 -4.15 6.26 2.65
C VAL A 26 -3.50 7.26 1.70
N CYS A 27 -2.92 6.74 0.63
CA CYS A 27 -2.25 7.56 -0.38
C CYS A 27 -3.11 8.75 -0.78
N ARG A 28 -2.62 9.94 -0.45
CA ARG A 28 -3.36 11.16 -0.76
C ARG A 28 -2.40 12.27 -1.24
N ASN A 29 -1.37 11.93 -2.03
CA ASN A 29 -0.44 12.95 -2.50
C ASN A 29 -1.03 13.80 -3.64
N GLN A 30 -0.81 13.37 -4.89
CA GLN A 30 -1.32 14.12 -6.04
C GLN A 30 -2.48 13.39 -6.69
N ASN A 31 -2.16 12.41 -7.53
CA ASN A 31 -3.19 11.62 -8.19
C ASN A 31 -3.91 10.79 -7.15
N CYS A 32 -3.15 10.42 -6.14
CA CYS A 32 -3.64 9.62 -5.02
C CYS A 32 -4.42 10.47 -4.02
N LYS A 33 -4.29 11.79 -4.13
CA LYS A 33 -4.97 12.71 -3.23
C LYS A 33 -6.46 12.40 -3.09
N ALA A 34 -7.05 11.75 -4.09
CA ALA A 34 -8.48 11.45 -4.05
C ALA A 34 -8.82 10.20 -3.24
N GLU A 35 -8.43 9.02 -3.72
CA GLU A 35 -8.77 7.78 -3.01
C GLU A 35 -7.66 6.73 -3.05
N PHE A 36 -7.70 5.82 -2.07
CA PHE A 36 -6.75 4.72 -1.97
C PHE A 36 -7.48 3.46 -1.50
N CYS A 37 -6.94 2.28 -1.83
CA CYS A 37 -7.57 1.03 -1.43
C CYS A 37 -7.03 0.56 -0.08
N TRP A 38 -7.87 0.61 0.94
CA TRP A 38 -7.48 0.19 2.28
C TRP A 38 -6.17 0.88 2.69
N VAL A 39 -5.67 0.53 3.87
CA VAL A 39 -4.43 1.10 4.36
C VAL A 39 -3.22 0.49 3.68
N CYS A 40 -3.18 -0.84 3.65
CA CYS A 40 -2.07 -1.58 3.05
C CYS A 40 -2.13 -1.58 1.52
N LEU A 41 -3.31 -1.90 0.97
CA LEU A 41 -3.51 -1.95 -0.48
C LEU A 41 -2.67 -3.05 -1.17
N GLY A 42 -2.81 -4.30 -0.70
CA GLY A 42 -2.13 -5.43 -1.33
C GLY A 42 -0.59 -5.44 -1.30
N PRO A 43 0.09 -4.86 -0.29
CA PRO A 43 1.57 -4.86 -0.25
C PRO A 43 2.14 -6.27 -0.27
N TRP A 44 3.45 -6.37 -0.52
CA TRP A 44 4.12 -7.67 -0.56
C TRP A 44 4.67 -8.06 0.81
N GLU A 45 5.01 -7.07 1.62
CA GLU A 45 5.57 -7.31 2.95
C GLU A 45 4.67 -8.25 3.79
N PRO A 46 3.33 -8.17 3.65
CA PRO A 46 2.41 -9.01 4.42
C PRO A 46 2.48 -10.47 3.98
N HIS A 47 2.89 -10.69 2.73
CA HIS A 47 3.01 -12.04 2.19
C HIS A 47 3.94 -12.89 3.05
N GLY A 48 4.83 -12.24 3.79
CA GLY A 48 5.76 -12.94 4.64
C GLY A 48 5.16 -13.34 5.98
N SER A 49 3.87 -13.06 6.15
CA SER A 49 3.18 -13.39 7.40
C SER A 49 3.70 -12.54 8.56
N ALA A 50 3.85 -11.24 8.30
CA ALA A 50 4.34 -10.32 9.32
C ALA A 50 5.74 -10.69 9.79
N TRP A 51 6.56 -11.19 8.87
CA TRP A 51 7.92 -11.57 9.19
C TRP A 51 8.80 -10.36 9.46
N TYR A 52 8.71 -9.37 8.57
CA TYR A 52 9.51 -8.15 8.71
C TYR A 52 8.72 -7.03 9.38
N ASN A 53 7.66 -6.58 8.72
CA ASN A 53 6.83 -5.50 9.24
C ASN A 53 6.07 -5.92 10.50
N CYS A 54 5.73 -7.20 10.58
CA CYS A 54 4.99 -7.72 11.73
C CYS A 54 3.56 -7.21 11.74
N ASN A 55 3.01 -7.00 10.55
CA ASN A 55 1.64 -6.52 10.41
C ASN A 55 1.11 -6.78 9.01
N ARG A 56 -0.05 -7.44 8.93
CA ARG A 56 -0.67 -7.75 7.64
C ARG A 56 -1.78 -6.76 7.31
N TYR A 57 -2.69 -6.56 8.26
CA TYR A 57 -3.80 -5.63 8.08
C TYR A 57 -4.03 -4.79 9.33
N ASN A 58 -4.93 -3.83 9.22
CA ASN A 58 -5.24 -2.94 10.34
C ASN A 58 -6.74 -2.72 10.45
N GLU A 59 -7.14 -1.87 11.40
CA GLU A 59 -8.55 -1.57 11.61
C GLU A 59 -8.73 -0.16 12.16
N PHE A 60 -9.97 0.31 12.17
CA PHE A 60 -10.28 1.65 12.67
C PHE A 60 -10.74 1.60 14.12
N TRP A 1 -7.49 -15.06 -1.23
CA TRP A 1 -6.22 -15.47 -0.58
C TRP A 1 -5.03 -14.77 -1.24
N ILE A 2 -4.97 -14.83 -2.56
CA ILE A 2 -3.87 -14.21 -3.31
C ILE A 2 -4.10 -12.71 -3.46
N ALA A 3 -3.31 -11.92 -2.75
CA ALA A 3 -3.43 -10.46 -2.81
C ALA A 3 -2.17 -9.79 -2.26
N ALA A 4 -1.02 -10.36 -2.57
CA ALA A 4 0.25 -9.80 -2.10
C ALA A 4 1.25 -9.67 -3.26
N ASN A 5 1.43 -8.44 -3.73
CA ASN A 5 2.35 -8.17 -4.82
C ASN A 5 2.73 -6.69 -4.88
N THR A 6 3.88 -6.39 -5.47
CA THR A 6 4.34 -5.01 -5.59
C THR A 6 3.95 -4.43 -6.94
N LYS A 7 3.09 -3.40 -6.90
CA LYS A 7 2.63 -2.75 -8.12
C LYS A 7 2.30 -1.28 -7.85
N GLU A 8 1.82 -0.59 -8.89
CA GLU A 8 1.46 0.81 -8.77
C GLU A 8 0.03 0.96 -8.26
N CYS A 9 -0.31 2.14 -7.76
CA CYS A 9 -1.65 2.41 -7.26
C CYS A 9 -2.68 2.18 -8.36
N PRO A 10 -3.77 1.45 -8.06
CA PRO A 10 -4.82 1.17 -9.05
C PRO A 10 -5.74 2.36 -9.30
N LYS A 11 -6.29 2.93 -8.23
CA LYS A 11 -7.20 4.07 -8.34
C LYS A 11 -6.43 5.36 -8.65
N CYS A 12 -5.11 5.33 -8.49
CA CYS A 12 -4.29 6.51 -8.74
C CYS A 12 -3.43 6.31 -9.99
N HIS A 13 -2.93 5.09 -10.18
CA HIS A 13 -2.11 4.74 -11.34
C HIS A 13 -0.79 5.53 -11.39
N VAL A 14 -0.20 5.77 -10.23
CA VAL A 14 1.08 6.48 -10.18
C VAL A 14 2.15 5.63 -9.51
N THR A 15 2.96 4.96 -10.31
CA THR A 15 4.03 4.11 -9.81
C THR A 15 5.06 4.93 -9.03
N ILE A 16 5.46 4.43 -7.86
CA ILE A 16 6.44 5.12 -7.04
C ILE A 16 7.38 4.14 -6.35
N GLU A 17 8.67 4.30 -6.58
CA GLU A 17 9.68 3.44 -5.99
C GLU A 17 10.15 3.96 -4.64
N LYS A 18 10.71 5.17 -4.65
CA LYS A 18 11.19 5.80 -3.43
C LYS A 18 10.09 6.64 -2.79
N ASP A 19 9.77 6.33 -1.55
CA ASP A 19 8.73 7.06 -0.82
C ASP A 19 9.13 8.51 -0.60
N GLY A 20 8.66 9.39 -1.48
CA GLY A 20 8.98 10.80 -1.36
C GLY A 20 7.74 11.67 -1.48
N GLY A 21 7.38 12.33 -0.39
CA GLY A 21 6.21 13.19 -0.39
C GLY A 21 4.94 12.44 -0.03
N CYS A 22 4.93 11.13 -0.21
CA CYS A 22 3.77 10.31 0.11
C CYS A 22 4.11 9.28 1.19
N ASN A 23 3.58 9.49 2.38
CA ASN A 23 3.80 8.58 3.50
C ASN A 23 3.11 7.26 3.24
N HIS A 24 3.57 6.18 3.88
CA HIS A 24 2.95 4.88 3.66
C HIS A 24 1.62 4.82 4.40
N MET A 25 0.58 5.21 3.68
CA MET A 25 -0.78 5.23 4.17
C MET A 25 -1.72 5.54 3.01
N VAL A 26 -2.91 6.06 3.29
CA VAL A 26 -3.82 6.43 2.21
C VAL A 26 -3.22 7.60 1.45
N CYS A 27 -2.46 7.31 0.39
CA CYS A 27 -1.82 8.35 -0.39
C CYS A 27 -2.84 9.29 -1.00
N ARG A 28 -2.74 10.55 -0.62
CA ARG A 28 -3.63 11.57 -1.13
C ARG A 28 -2.84 12.73 -1.74
N ASN A 29 -1.67 12.45 -2.33
CA ASN A 29 -0.86 13.53 -2.89
C ASN A 29 -1.45 14.13 -4.17
N GLN A 30 -1.16 13.53 -5.33
CA GLN A 30 -1.66 14.07 -6.59
C GLN A 30 -2.74 13.19 -7.19
N ASN A 31 -2.34 12.12 -7.86
CA ASN A 31 -3.29 11.21 -8.49
C ASN A 31 -4.05 10.42 -7.44
N CYS A 32 -3.35 10.13 -6.36
CA CYS A 32 -3.94 9.38 -5.25
C CYS A 32 -4.70 10.31 -4.31
N LYS A 33 -4.69 11.60 -4.59
CA LYS A 33 -5.38 12.58 -3.74
C LYS A 33 -6.82 12.17 -3.45
N ALA A 34 -7.43 11.41 -4.37
CA ALA A 34 -8.82 10.99 -4.18
C ALA A 34 -8.99 9.74 -3.31
N GLU A 35 -8.55 8.58 -3.80
CA GLU A 35 -8.71 7.34 -3.04
C GLU A 35 -7.54 6.38 -3.18
N PHE A 36 -7.41 5.47 -2.20
CA PHE A 36 -6.39 4.44 -2.19
C PHE A 36 -6.98 3.15 -1.62
N CYS A 37 -6.29 2.03 -1.77
CA CYS A 37 -6.80 0.76 -1.25
C CYS A 37 -6.11 0.39 0.05
N TRP A 38 -6.87 0.46 1.14
CA TRP A 38 -6.34 0.15 2.46
C TRP A 38 -5.04 0.90 2.72
N VAL A 39 -4.43 0.66 3.87
CA VAL A 39 -3.17 1.30 4.21
C VAL A 39 -2.00 0.67 3.47
N CYS A 40 -1.93 -0.66 3.51
CA CYS A 40 -0.85 -1.40 2.85
C CYS A 40 -1.03 -1.47 1.34
N LEU A 41 -2.24 -1.85 0.91
CA LEU A 41 -2.58 -1.98 -0.51
C LEU A 41 -1.84 -3.17 -1.19
N GLY A 42 -2.04 -4.37 -0.64
CA GLY A 42 -1.48 -5.59 -1.23
C GLY A 42 0.04 -5.64 -1.42
N PRO A 43 0.86 -4.95 -0.62
CA PRO A 43 2.32 -4.99 -0.77
C PRO A 43 2.87 -6.42 -0.68
N TRP A 44 4.19 -6.56 -0.84
CA TRP A 44 4.83 -7.87 -0.80
C TRP A 44 5.05 -8.34 0.64
N GLU A 45 5.67 -7.48 1.44
CA GLU A 45 5.96 -7.79 2.85
C GLU A 45 4.88 -8.65 3.51
N PRO A 46 3.60 -8.27 3.39
CA PRO A 46 2.49 -9.02 4.00
C PRO A 46 2.49 -10.49 3.58
N HIS A 47 3.05 -10.77 2.42
CA HIS A 47 3.11 -12.13 1.90
C HIS A 47 3.81 -13.06 2.88
N GLY A 48 4.60 -12.49 3.78
CA GLY A 48 5.31 -13.30 4.77
C GLY A 48 4.40 -13.78 5.90
N SER A 49 3.12 -13.43 5.83
CA SER A 49 2.17 -13.84 6.86
C SER A 49 2.50 -13.20 8.20
N ALA A 50 2.55 -11.87 8.22
CA ALA A 50 2.85 -11.12 9.44
C ALA A 50 4.20 -11.55 10.02
N TRP A 51 5.12 -11.94 9.15
CA TRP A 51 6.44 -12.36 9.58
C TRP A 51 7.25 -11.18 10.10
N TYR A 52 7.26 -10.09 9.32
CA TYR A 52 8.00 -8.89 9.70
C TYR A 52 7.10 -7.87 10.38
N ASN A 53 6.11 -7.38 9.64
CA ASN A 53 5.18 -6.38 10.16
C ASN A 53 4.34 -6.95 11.30
N CYS A 54 4.00 -8.24 11.21
CA CYS A 54 3.20 -8.89 12.25
C CYS A 54 1.80 -8.28 12.31
N ASN A 55 1.32 -7.81 11.16
CA ASN A 55 0.00 -7.20 11.07
C ASN A 55 -0.30 -6.74 9.64
N ARG A 56 -0.81 -7.67 8.83
CA ARG A 56 -1.14 -7.35 7.44
C ARG A 56 -2.14 -6.21 7.35
N TYR A 57 -3.00 -6.11 8.37
CA TYR A 57 -4.02 -5.07 8.40
C TYR A 57 -4.04 -4.37 9.76
N ASN A 58 -4.51 -3.13 9.78
CA ASN A 58 -4.57 -2.35 11.02
C ASN A 58 -5.76 -2.78 11.86
N GLU A 59 -5.61 -2.73 13.18
CA GLU A 59 -6.68 -3.11 14.10
C GLU A 59 -7.16 -1.90 14.90
N PHE A 60 -8.47 -1.67 14.89
CA PHE A 60 -9.06 -0.55 15.61
C PHE A 60 -9.83 -1.04 16.82
N TRP A 1 -5.87 -15.54 -3.33
CA TRP A 1 -5.44 -16.19 -2.07
C TRP A 1 -4.24 -15.48 -1.46
N ILE A 2 -3.25 -15.16 -2.29
CA ILE A 2 -2.05 -14.48 -1.83
C ILE A 2 -2.36 -13.06 -1.38
N ALA A 3 -3.15 -12.34 -2.19
CA ALA A 3 -3.52 -10.97 -1.86
C ALA A 3 -2.32 -10.13 -1.45
N ALA A 4 -1.15 -10.47 -2.00
CA ALA A 4 0.07 -9.76 -1.69
C ALA A 4 1.02 -9.74 -2.89
N ASN A 5 1.45 -8.54 -3.28
CA ASN A 5 2.36 -8.39 -4.41
C ASN A 5 2.75 -6.93 -4.60
N THR A 6 3.69 -6.69 -5.51
CA THR A 6 4.15 -5.33 -5.79
C THR A 6 3.45 -4.76 -7.00
N LYS A 7 2.83 -3.59 -6.84
CA LYS A 7 2.12 -2.93 -7.93
C LYS A 7 1.86 -1.46 -7.61
N GLU A 8 1.28 -0.75 -8.56
CA GLU A 8 0.97 0.67 -8.37
C GLU A 8 -0.41 0.85 -7.77
N CYS A 9 -0.65 2.04 -7.22
CA CYS A 9 -1.94 2.36 -6.61
C CYS A 9 -3.06 2.14 -7.64
N PRO A 10 -4.16 1.47 -7.25
CA PRO A 10 -5.27 1.20 -8.15
C PRO A 10 -6.17 2.41 -8.37
N LYS A 11 -6.56 3.07 -7.28
CA LYS A 11 -7.42 4.24 -7.34
C LYS A 11 -6.66 5.47 -7.82
N CYS A 12 -5.32 5.40 -7.80
CA CYS A 12 -4.49 6.53 -8.23
C CYS A 12 -3.75 6.20 -9.52
N HIS A 13 -3.39 4.92 -9.68
CA HIS A 13 -2.70 4.45 -10.89
C HIS A 13 -1.33 5.11 -11.05
N VAL A 14 -0.64 5.35 -9.94
CA VAL A 14 0.69 5.94 -9.99
C VAL A 14 1.72 5.02 -9.36
N THR A 15 2.72 4.63 -10.14
CA THR A 15 3.77 3.74 -9.66
C THR A 15 4.82 4.51 -8.87
N ILE A 16 4.87 4.27 -7.57
CA ILE A 16 5.83 4.94 -6.70
C ILE A 16 7.03 4.05 -6.42
N GLU A 17 8.20 4.48 -6.88
CA GLU A 17 9.43 3.71 -6.68
C GLU A 17 10.02 4.04 -5.31
N LYS A 18 10.36 5.31 -5.10
CA LYS A 18 10.94 5.75 -3.84
C LYS A 18 9.95 6.64 -3.08
N ASP A 19 9.77 6.35 -1.80
CA ASP A 19 8.84 7.13 -0.99
C ASP A 19 9.30 8.57 -0.85
N GLY A 20 8.76 9.44 -1.70
CA GLY A 20 9.12 10.84 -1.66
C GLY A 20 7.90 11.74 -1.69
N GLY A 21 7.66 12.45 -0.60
CA GLY A 21 6.51 13.35 -0.53
C GLY A 21 5.26 12.65 -0.03
N CYS A 22 5.09 11.39 -0.41
CA CYS A 22 3.93 10.61 0.01
C CYS A 22 4.33 9.50 0.97
N ASN A 23 3.97 9.68 2.24
CA ASN A 23 4.27 8.68 3.27
C ASN A 23 3.60 7.35 2.92
N HIS A 24 4.13 6.24 3.43
CA HIS A 24 3.54 4.94 3.13
C HIS A 24 2.25 4.77 3.92
N MET A 25 1.17 5.20 3.29
CA MET A 25 -0.17 5.14 3.85
C MET A 25 -1.17 5.57 2.77
N VAL A 26 -2.35 6.02 3.16
CA VAL A 26 -3.31 6.48 2.17
C VAL A 26 -2.78 7.76 1.55
N CYS A 27 -2.06 7.62 0.43
CA CYS A 27 -1.47 8.77 -0.24
C CYS A 27 -2.52 9.67 -0.83
N ARG A 28 -2.48 10.93 -0.43
CA ARG A 28 -3.42 11.92 -0.92
C ARG A 28 -2.69 13.09 -1.58
N ASN A 29 -1.52 12.84 -2.19
CA ASN A 29 -0.76 13.92 -2.80
C ASN A 29 -1.42 14.48 -4.07
N GLN A 30 -1.15 13.86 -5.23
CA GLN A 30 -1.71 14.36 -6.48
C GLN A 30 -2.80 13.45 -7.03
N ASN A 31 -2.40 12.37 -7.71
CA ASN A 31 -3.35 11.44 -8.29
C ASN A 31 -4.05 10.67 -7.18
N CYS A 32 -3.28 10.34 -6.16
CA CYS A 32 -3.78 9.61 -5.02
C CYS A 32 -4.55 10.53 -4.05
N LYS A 33 -4.57 11.82 -4.36
CA LYS A 33 -5.26 12.79 -3.52
C LYS A 33 -6.70 12.39 -3.21
N ALA A 34 -7.32 11.62 -4.11
CA ALA A 34 -8.71 11.21 -3.92
C ALA A 34 -8.88 9.99 -3.00
N GLU A 35 -8.42 8.82 -3.45
CA GLU A 35 -8.58 7.61 -2.66
C GLU A 35 -7.36 6.68 -2.70
N PHE A 36 -7.26 5.83 -1.67
CA PHE A 36 -6.19 4.84 -1.56
C PHE A 36 -6.76 3.55 -0.94
N CYS A 37 -6.12 2.41 -1.21
CA CYS A 37 -6.62 1.14 -0.68
C CYS A 37 -5.92 0.78 0.63
N TRP A 38 -6.67 0.86 1.73
CA TRP A 38 -6.14 0.55 3.06
C TRP A 38 -4.77 1.18 3.27
N VAL A 39 -4.13 0.88 4.39
CA VAL A 39 -2.81 1.44 4.67
C VAL A 39 -1.72 0.75 3.83
N CYS A 40 -1.71 -0.58 3.85
CA CYS A 40 -0.73 -1.36 3.09
C CYS A 40 -1.08 -1.43 1.61
N LEU A 41 -2.36 -1.71 1.33
CA LEU A 41 -2.88 -1.82 -0.03
C LEU A 41 -2.39 -3.09 -0.78
N GLY A 42 -2.18 -4.20 -0.04
CA GLY A 42 -1.79 -5.44 -0.68
C GLY A 42 -0.30 -5.63 -1.00
N PRO A 43 0.62 -4.98 -0.28
CA PRO A 43 2.07 -5.12 -0.55
C PRO A 43 2.53 -6.58 -0.52
N TRP A 44 3.82 -6.79 -0.77
CA TRP A 44 4.39 -8.14 -0.79
C TRP A 44 4.91 -8.55 0.59
N GLU A 45 5.48 -7.58 1.31
CA GLU A 45 6.03 -7.85 2.63
C GLU A 45 5.05 -8.61 3.55
N PRO A 46 3.72 -8.31 3.46
CA PRO A 46 2.73 -8.99 4.29
C PRO A 46 2.56 -10.47 3.91
N HIS A 47 3.11 -10.85 2.76
CA HIS A 47 3.03 -12.23 2.29
C HIS A 47 3.90 -13.15 3.14
N GLY A 48 4.72 -12.58 4.02
CA GLY A 48 5.58 -13.37 4.87
C GLY A 48 4.85 -13.99 6.05
N SER A 49 3.54 -13.78 6.13
CA SER A 49 2.73 -14.31 7.22
C SER A 49 3.09 -13.65 8.54
N ALA A 50 2.98 -12.32 8.59
CA ALA A 50 3.29 -11.56 9.78
C ALA A 50 4.74 -11.78 10.22
N TRP A 51 5.61 -12.03 9.25
CA TRP A 51 7.02 -12.26 9.54
C TRP A 51 7.71 -10.96 9.97
N TYR A 52 7.50 -9.90 9.21
CA TYR A 52 8.11 -8.60 9.50
C TYR A 52 7.15 -7.68 10.26
N ASN A 53 6.05 -7.31 9.60
CA ASN A 53 5.06 -6.41 10.19
C ASN A 53 4.22 -7.11 11.25
N CYS A 54 4.26 -8.43 11.27
CA CYS A 54 3.48 -9.20 12.25
C CYS A 54 1.99 -8.97 12.05
N ASN A 55 1.60 -8.72 10.80
CA ASN A 55 0.20 -8.49 10.46
C ASN A 55 0.04 -8.24 8.96
N ARG A 56 -1.21 -8.28 8.49
CA ARG A 56 -1.49 -8.07 7.08
C ARG A 56 -2.11 -6.69 6.84
N TYR A 57 -3.21 -6.42 7.52
CA TYR A 57 -3.89 -5.14 7.39
C TYR A 57 -4.28 -4.58 8.76
N ASN A 58 -4.64 -3.31 8.80
CA ASN A 58 -5.04 -2.66 10.05
C ASN A 58 -6.56 -2.58 10.15
N GLU A 59 -7.05 -2.43 11.38
CA GLU A 59 -8.48 -2.34 11.62
C GLU A 59 -8.98 -0.91 11.45
N PHE A 60 -10.27 -0.75 11.21
CA PHE A 60 -10.87 0.56 11.03
C PHE A 60 -11.31 1.14 12.37
N TRP A 1 -2.96 -17.76 3.95
CA TRP A 1 -2.92 -17.51 2.49
C TRP A 1 -3.07 -16.02 2.18
N ILE A 2 -2.09 -15.48 1.46
CA ILE A 2 -2.11 -14.06 1.10
C ILE A 2 -1.93 -13.87 -0.40
N ALA A 3 -2.98 -13.37 -1.06
CA ALA A 3 -2.93 -13.14 -2.50
C ALA A 3 -2.55 -11.70 -2.82
N ALA A 4 -1.54 -11.20 -2.11
CA ALA A 4 -1.07 -9.83 -2.32
C ALA A 4 0.12 -9.80 -3.28
N ASN A 5 0.15 -8.78 -4.13
CA ASN A 5 1.23 -8.63 -5.09
C ASN A 5 1.78 -7.21 -5.09
N THR A 6 2.98 -7.03 -5.64
CA THR A 6 3.60 -5.71 -5.71
C THR A 6 3.16 -4.96 -6.96
N LYS A 7 2.37 -3.90 -6.75
CA LYS A 7 1.88 -3.10 -7.86
C LYS A 7 1.66 -1.65 -7.42
N GLU A 8 1.16 -0.83 -8.34
CA GLU A 8 0.91 0.57 -8.05
C GLU A 8 -0.56 0.80 -7.70
N CYS A 9 -0.82 1.87 -6.95
CA CYS A 9 -2.18 2.20 -6.56
C CYS A 9 -3.06 2.45 -7.79
N PRO A 10 -4.34 2.04 -7.76
CA PRO A 10 -5.25 2.21 -8.90
C PRO A 10 -5.85 3.61 -8.99
N LYS A 11 -6.45 4.06 -7.89
CA LYS A 11 -7.11 5.37 -7.85
C LYS A 11 -6.24 6.47 -8.47
N CYS A 12 -4.91 6.33 -8.40
CA CYS A 12 -4.01 7.32 -8.99
C CYS A 12 -3.22 6.72 -10.15
N HIS A 13 -2.82 5.46 -10.00
CA HIS A 13 -2.05 4.76 -11.04
C HIS A 13 -0.67 5.37 -11.23
N VAL A 14 -0.03 5.75 -10.12
CA VAL A 14 1.30 6.33 -10.17
C VAL A 14 2.30 5.48 -9.39
N THR A 15 3.09 4.69 -10.11
CA THR A 15 4.07 3.82 -9.48
C THR A 15 5.13 4.65 -8.76
N ILE A 16 5.42 4.28 -7.50
CA ILE A 16 6.40 4.99 -6.71
C ILE A 16 7.52 4.06 -6.25
N GLU A 17 8.73 4.32 -6.72
CA GLU A 17 9.89 3.51 -6.35
C GLU A 17 10.39 3.89 -4.96
N LYS A 18 10.69 5.18 -4.79
CA LYS A 18 11.17 5.70 -3.52
C LYS A 18 10.11 6.57 -2.87
N ASP A 19 9.69 6.20 -1.67
CA ASP A 19 8.67 6.94 -0.94
C ASP A 19 9.14 8.34 -0.60
N GLY A 20 8.75 9.31 -1.44
CA GLY A 20 9.14 10.69 -1.21
C GLY A 20 7.95 11.63 -1.30
N GLY A 21 7.62 12.26 -0.17
CA GLY A 21 6.50 13.18 -0.14
C GLY A 21 5.20 12.50 0.27
N CYS A 22 5.02 11.26 -0.18
CA CYS A 22 3.83 10.49 0.15
C CYS A 22 4.15 9.39 1.16
N ASN A 23 3.71 9.57 2.39
CA ASN A 23 3.93 8.57 3.44
C ASN A 23 3.29 7.25 3.07
N HIS A 24 3.78 6.15 3.64
CA HIS A 24 3.20 4.85 3.31
C HIS A 24 1.85 4.70 4.00
N MET A 25 0.83 5.12 3.28
CA MET A 25 -0.54 5.09 3.74
C MET A 25 -1.46 5.50 2.60
N VAL A 26 -2.66 5.96 2.91
CA VAL A 26 -3.57 6.41 1.86
C VAL A 26 -3.01 7.67 1.21
N CYS A 27 -2.28 7.50 0.10
CA CYS A 27 -1.68 8.65 -0.57
C CYS A 27 -2.72 9.68 -0.96
N ARG A 28 -2.50 10.90 -0.52
CA ARG A 28 -3.40 11.99 -0.83
C ARG A 28 -2.66 13.17 -1.43
N ASN A 29 -1.54 12.91 -2.13
CA ASN A 29 -0.76 14.02 -2.71
C ASN A 29 -0.47 13.88 -4.21
N GLN A 30 0.55 13.09 -4.56
CA GLN A 30 0.98 12.90 -5.95
C GLN A 30 -0.19 12.97 -6.92
N ASN A 31 -1.17 12.11 -6.71
CA ASN A 31 -2.34 12.08 -7.59
C ASN A 31 -3.45 11.17 -7.05
N CYS A 32 -3.40 10.89 -5.75
CA CYS A 32 -4.41 10.05 -5.13
C CYS A 32 -5.11 10.81 -3.99
N LYS A 33 -5.12 12.13 -4.11
CA LYS A 33 -5.73 12.99 -3.09
C LYS A 33 -7.14 12.51 -2.73
N ALA A 34 -7.81 11.84 -3.66
CA ALA A 34 -9.17 11.39 -3.44
C ALA A 34 -9.29 10.06 -2.68
N GLU A 35 -8.81 8.96 -3.26
CA GLU A 35 -8.92 7.66 -2.61
C GLU A 35 -7.69 6.77 -2.74
N PHE A 36 -7.56 5.83 -1.81
CA PHE A 36 -6.47 4.85 -1.81
C PHE A 36 -7.01 3.49 -1.36
N CYS A 37 -6.30 2.42 -1.68
CA CYS A 37 -6.76 1.08 -1.29
C CYS A 37 -6.20 0.68 0.07
N TRP A 38 -7.06 0.67 1.08
CA TRP A 38 -6.65 0.32 2.44
C TRP A 38 -5.32 0.98 2.79
N VAL A 39 -4.76 0.63 3.95
CA VAL A 39 -3.49 1.19 4.35
C VAL A 39 -2.33 0.54 3.58
N CYS A 40 -2.32 -0.79 3.53
CA CYS A 40 -1.28 -1.54 2.84
C CYS A 40 -1.50 -1.56 1.32
N LEU A 41 -2.72 -1.87 0.90
CA LEU A 41 -3.10 -1.94 -0.52
C LEU A 41 -2.48 -3.17 -1.25
N GLY A 42 -2.36 -4.30 -0.54
CA GLY A 42 -1.85 -5.52 -1.18
C GLY A 42 -0.34 -5.63 -1.35
N PRO A 43 0.50 -5.00 -0.51
CA PRO A 43 1.96 -5.08 -0.63
C PRO A 43 2.46 -6.52 -0.59
N TRP A 44 3.75 -6.71 -0.87
CA TRP A 44 4.35 -8.03 -0.86
C TRP A 44 4.85 -8.39 0.53
N GLU A 45 5.36 -7.39 1.25
CA GLU A 45 5.88 -7.58 2.60
C GLU A 45 4.95 -8.46 3.44
N PRO A 46 3.65 -8.14 3.49
CA PRO A 46 2.67 -8.92 4.25
C PRO A 46 2.64 -10.39 3.85
N HIS A 47 3.13 -10.67 2.64
CA HIS A 47 3.15 -12.04 2.13
C HIS A 47 3.94 -12.96 3.06
N GLY A 48 4.79 -12.38 3.90
CA GLY A 48 5.58 -13.17 4.83
C GLY A 48 4.79 -13.63 6.03
N SER A 49 3.50 -13.31 6.07
CA SER A 49 2.65 -13.69 7.19
C SER A 49 3.05 -12.96 8.46
N ALA A 50 3.04 -11.63 8.41
CA ALA A 50 3.41 -10.81 9.55
C ALA A 50 4.86 -11.04 9.95
N TRP A 51 5.70 -11.36 8.97
CA TRP A 51 7.11 -11.62 9.21
C TRP A 51 7.85 -10.33 9.61
N TYR A 52 7.61 -9.26 8.86
CA TYR A 52 8.27 -7.99 9.13
C TYR A 52 7.40 -7.07 10.00
N ASN A 53 6.26 -6.64 9.45
CA ASN A 53 5.35 -5.76 10.18
C ASN A 53 4.11 -6.50 10.67
N CYS A 54 3.34 -7.04 9.73
CA CYS A 54 2.13 -7.77 10.07
C CYS A 54 1.40 -8.21 8.80
N ASN A 55 0.16 -8.66 8.96
CA ASN A 55 -0.64 -9.12 7.83
C ASN A 55 -0.90 -7.98 6.85
N ARG A 56 -1.73 -8.23 5.85
CA ARG A 56 -2.05 -7.22 4.85
C ARG A 56 -3.34 -6.48 5.20
N TYR A 57 -3.51 -6.19 6.49
CA TYR A 57 -4.69 -5.48 6.96
C TYR A 57 -4.60 -5.23 8.46
N ASN A 58 -4.97 -4.01 8.88
CA ASN A 58 -4.93 -3.65 10.28
C ASN A 58 -6.34 -3.45 10.84
N GLU A 59 -6.46 -3.47 12.15
CA GLU A 59 -7.76 -3.30 12.81
C GLU A 59 -8.05 -1.82 13.05
N PHE A 60 -9.33 -1.48 13.17
CA PHE A 60 -9.74 -0.10 13.40
C PHE A 60 -9.99 0.14 14.89
#